data_2R8Q
#
_entry.id   2R8Q
#
_cell.length_a   63.753
_cell.length_b   78.688
_cell.length_c   70.511
_cell.angle_alpha   90.00
_cell.angle_beta   92.46
_cell.angle_gamma   90.00
#
_symmetry.space_group_name_H-M   'P 1 21 1'
#
loop_
_entity.id
_entity.type
_entity.pdbx_description
1 polymer 'Class I phosphodiesterase PDEB1'
2 non-polymer 'ZINC ION'
3 non-polymer 'MAGNESIUM ION'
4 non-polymer 3-ISOBUTYL-1-METHYLXANTHINE
5 water water
#
_entity_poly.entity_id   1
_entity_poly.type   'polypeptide(L)'
_entity_poly.pdbx_seq_one_letter_code
;QRNSITAQRAPKSVKVIAVTPEEREAVMSIDFGGAYDFTSPGFNLFEVREKYSEPMDAAAGVVYNLLWNSGLPEKFGCRE
QTLLNFILQCRRRYRRVPYHNFYHVVDVCQTLHTYLYTGKASELLTELECYVLLVTALVHDLDHMGVNNSFYLKTDSPLG
ILSSASGNNSVLEVHHCSLAIEILSDPAADVFEGLSGQDVAYAYRALIDCVLATDMAKHADALSRFTELATSGFEKDNDT
HRRLVMETLIKAGDVSNVTKPFETSRMWAMAVTEEFYRQGDMEKEKGVEVLPMFDRSKNNELARGQIGFIDFVAGKFFRD
IVGNLFHGMQWCVDTVNSNRAKWQEILDGRRDSIRSSIV
;
_entity_poly.pdbx_strand_id   A,B
#
# COMPACT_ATOMS: atom_id res chain seq x y z
N VAL A 16 -0.51 -3.57 16.77
CA VAL A 16 0.68 -4.46 16.60
C VAL A 16 0.54 -5.73 17.44
N ILE A 17 0.58 -6.88 16.78
CA ILE A 17 0.48 -8.15 17.47
C ILE A 17 1.88 -8.63 17.82
N ALA A 18 2.23 -8.55 19.09
CA ALA A 18 3.56 -8.94 19.54
C ALA A 18 3.83 -10.43 19.41
N VAL A 19 5.11 -10.76 19.27
CA VAL A 19 5.56 -12.15 19.18
C VAL A 19 5.71 -12.60 20.64
N THR A 20 5.14 -13.75 20.97
CA THR A 20 5.21 -14.26 22.34
C THR A 20 6.49 -15.03 22.60
N PRO A 21 6.86 -15.16 23.88
CA PRO A 21 8.07 -15.91 24.24
C PRO A 21 7.95 -17.35 23.78
N GLU A 22 6.75 -17.90 23.89
CA GLU A 22 6.49 -19.27 23.48
C GLU A 22 6.81 -19.46 22.00
N GLU A 23 6.42 -18.50 21.18
CA GLU A 23 6.68 -18.59 19.74
C GLU A 23 8.18 -18.59 19.47
N ARG A 24 8.92 -17.76 20.20
CA ARG A 24 10.37 -17.70 20.02
C ARG A 24 10.99 -19.00 20.51
N GLU A 25 10.49 -19.49 21.64
CA GLU A 25 10.98 -20.73 22.24
C GLU A 25 10.81 -21.92 21.32
N ALA A 26 9.69 -21.96 20.59
CA ALA A 26 9.41 -23.05 19.67
C ALA A 26 10.44 -23.10 18.55
N VAL A 27 11.01 -21.95 18.20
CA VAL A 27 12.02 -21.92 17.14
C VAL A 27 13.39 -22.28 17.70
N MET A 28 13.75 -21.70 18.84
CA MET A 28 15.05 -21.96 19.43
C MET A 28 15.22 -23.39 19.96
N SER A 29 14.11 -24.10 20.14
CA SER A 29 14.18 -25.47 20.64
C SER A 29 14.54 -26.45 19.53
N ILE A 30 14.43 -26.02 18.28
CA ILE A 30 14.75 -26.88 17.15
C ILE A 30 16.22 -27.29 17.16
N ASP A 31 16.46 -28.60 17.18
CA ASP A 31 17.84 -29.10 17.20
C ASP A 31 18.24 -29.67 15.85
N PHE A 32 19.16 -29.00 15.17
CA PHE A 32 19.64 -29.44 13.87
C PHE A 32 20.84 -30.35 14.04
N GLY A 33 21.51 -30.23 15.17
CA GLY A 33 22.70 -31.02 15.41
C GLY A 33 23.77 -30.49 14.49
N GLY A 34 24.32 -31.36 13.66
CA GLY A 34 25.35 -30.95 12.72
C GLY A 34 25.04 -31.61 11.40
N ALA A 35 23.77 -31.93 11.22
CA ALA A 35 23.29 -32.61 10.02
C ALA A 35 23.16 -31.70 8.81
N TYR A 36 23.21 -30.39 9.02
CA TYR A 36 23.08 -29.46 7.91
C TYR A 36 24.09 -28.33 7.88
N ASP A 37 24.40 -27.86 6.68
CA ASP A 37 25.31 -26.73 6.50
C ASP A 37 24.47 -25.71 5.75
N PHE A 38 23.92 -24.75 6.49
CA PHE A 38 23.07 -23.73 5.88
C PHE A 38 23.80 -22.81 4.93
N THR A 39 25.13 -22.87 4.92
CA THR A 39 25.91 -22.01 4.02
C THR A 39 26.24 -22.69 2.70
N SER A 40 25.83 -23.95 2.56
CA SER A 40 26.13 -24.71 1.35
C SER A 40 25.08 -24.70 0.24
N PRO A 41 25.52 -24.66 -1.03
CA PRO A 41 24.58 -24.66 -2.15
C PRO A 41 23.82 -25.98 -2.16
N GLY A 42 24.39 -26.98 -1.52
CA GLY A 42 23.78 -28.30 -1.45
C GLY A 42 22.73 -28.48 -0.38
N PHE A 43 22.54 -27.46 0.46
CA PHE A 43 21.53 -27.55 1.51
C PHE A 43 20.17 -27.78 0.87
N ASN A 44 19.42 -28.74 1.39
CA ASN A 44 18.10 -29.07 0.86
C ASN A 44 17.01 -28.78 1.88
N LEU A 45 16.30 -27.67 1.68
CA LEU A 45 15.24 -27.28 2.60
C LEU A 45 14.10 -28.30 2.66
N PHE A 46 13.89 -29.07 1.60
CA PHE A 46 12.83 -30.08 1.63
C PHE A 46 13.13 -31.16 2.64
N GLU A 47 14.42 -31.45 2.84
CA GLU A 47 14.81 -32.47 3.80
C GLU A 47 14.40 -32.01 5.20
N VAL A 48 14.68 -30.75 5.52
CA VAL A 48 14.31 -30.18 6.81
C VAL A 48 12.79 -30.19 6.99
N ARG A 49 12.07 -29.83 5.94
CA ARG A 49 10.61 -29.79 6.00
C ARG A 49 10.00 -31.16 6.24
N GLU A 50 10.53 -32.18 5.57
CA GLU A 50 10.00 -33.52 5.70
C GLU A 50 10.30 -34.17 7.06
N LYS A 51 11.45 -33.87 7.63
CA LYS A 51 11.84 -34.50 8.90
C LYS A 51 11.36 -33.88 10.21
N TYR A 52 11.22 -32.56 10.27
CA TYR A 52 10.79 -31.93 11.51
C TYR A 52 9.27 -31.85 11.68
N SER A 53 8.80 -32.23 12.87
CA SER A 53 7.37 -32.21 13.18
C SER A 53 6.78 -30.80 13.14
N GLU A 54 7.63 -29.80 13.31
CA GLU A 54 7.22 -28.40 13.28
C GLU A 54 8.09 -27.77 12.18
N PRO A 55 7.78 -28.06 10.92
CA PRO A 55 8.53 -27.53 9.77
C PRO A 55 8.62 -26.02 9.67
N MET A 56 7.57 -25.30 10.07
CA MET A 56 7.60 -23.84 10.00
C MET A 56 8.58 -23.30 11.04
N ASP A 57 8.65 -23.96 12.19
CA ASP A 57 9.59 -23.53 13.23
C ASP A 57 11.01 -23.86 12.79
N ALA A 58 11.19 -25.04 12.18
CA ALA A 58 12.50 -25.43 11.71
C ALA A 58 12.99 -24.48 10.61
N ALA A 59 12.09 -24.09 9.72
CA ALA A 59 12.46 -23.17 8.64
C ALA A 59 12.88 -21.81 9.21
N ALA A 60 12.16 -21.35 10.22
CA ALA A 60 12.49 -20.08 10.86
C ALA A 60 13.86 -20.22 11.52
N GLY A 61 14.13 -21.42 12.05
CA GLY A 61 15.40 -21.67 12.70
C GLY A 61 16.55 -21.66 11.72
N VAL A 62 16.30 -22.12 10.49
CA VAL A 62 17.33 -22.13 9.47
C VAL A 62 17.80 -20.71 9.22
N VAL A 63 16.85 -19.80 9.00
CA VAL A 63 17.22 -18.41 8.73
C VAL A 63 17.81 -17.71 9.96
N TYR A 64 17.30 -17.99 11.15
CA TYR A 64 17.86 -17.34 12.32
C TYR A 64 19.30 -17.75 12.53
N ASN A 65 19.57 -19.05 12.38
CA ASN A 65 20.92 -19.57 12.54
C ASN A 65 21.86 -18.99 11.48
N LEU A 66 21.42 -19.07 10.23
CA LEU A 66 22.23 -18.58 9.12
C LEU A 66 22.56 -17.09 9.25
N LEU A 67 21.53 -16.28 9.51
CA LEU A 67 21.74 -14.84 9.62
C LEU A 67 22.49 -14.41 10.87
N TRP A 68 22.12 -14.94 12.04
CA TRP A 68 22.83 -14.54 13.24
C TRP A 68 24.30 -14.96 13.22
N ASN A 69 24.55 -16.20 12.83
CA ASN A 69 25.91 -16.71 12.79
C ASN A 69 26.78 -16.08 11.71
N SER A 70 26.16 -15.29 10.83
CA SER A 70 26.91 -14.62 9.77
C SER A 70 27.68 -13.46 10.37
N GLY A 71 27.22 -12.98 11.52
CA GLY A 71 27.86 -11.86 12.18
C GLY A 71 27.34 -10.51 11.72
N LEU A 72 26.57 -10.49 10.65
CA LEU A 72 26.04 -9.23 10.12
C LEU A 72 25.04 -8.53 11.05
N PRO A 73 24.09 -9.27 11.63
CA PRO A 73 23.14 -8.60 12.53
C PRO A 73 23.83 -7.88 13.68
N GLU A 74 24.80 -8.56 14.31
CA GLU A 74 25.52 -7.97 15.43
C GLU A 74 26.35 -6.78 14.98
N LYS A 75 27.00 -6.92 13.82
CA LYS A 75 27.83 -5.86 13.29
C LYS A 75 27.03 -4.57 13.11
N PHE A 76 25.76 -4.70 12.74
CA PHE A 76 24.93 -3.53 12.53
C PHE A 76 23.96 -3.22 13.67
N GLY A 77 24.29 -3.71 14.86
CA GLY A 77 23.49 -3.42 16.03
C GLY A 77 22.11 -4.03 16.14
N CYS A 78 21.87 -5.13 15.42
CA CYS A 78 20.58 -5.79 15.51
C CYS A 78 20.69 -6.83 16.62
N ARG A 79 19.80 -6.74 17.59
CA ARG A 79 19.80 -7.66 18.72
C ARG A 79 19.21 -9.01 18.33
N GLU A 80 19.64 -10.06 19.02
CA GLU A 80 19.19 -11.42 18.77
C GLU A 80 17.67 -11.57 18.73
N GLN A 81 16.99 -11.09 19.77
CA GLN A 81 15.55 -11.19 19.83
C GLN A 81 14.86 -10.36 18.74
N THR A 82 15.49 -9.26 18.34
CA THR A 82 14.91 -8.42 17.29
C THR A 82 14.90 -9.22 16.00
N LEU A 83 16.02 -9.88 15.69
CA LEU A 83 16.12 -10.67 14.48
C LEU A 83 15.08 -11.80 14.47
N LEU A 84 14.95 -12.52 15.59
CA LEU A 84 13.99 -13.61 15.65
C LEU A 84 12.56 -13.09 15.51
N ASN A 85 12.24 -11.98 16.18
CA ASN A 85 10.90 -11.41 16.07
C ASN A 85 10.62 -11.04 14.62
N PHE A 86 11.61 -10.46 13.95
CA PHE A 86 11.46 -10.07 12.55
C PHE A 86 11.13 -11.30 11.69
N ILE A 87 11.91 -12.35 11.86
CA ILE A 87 11.68 -13.58 11.10
C ILE A 87 10.26 -14.09 11.34
N LEU A 88 9.82 -14.08 12.60
CA LEU A 88 8.47 -14.57 12.91
C LEU A 88 7.36 -13.65 12.44
N GLN A 89 7.63 -12.34 12.40
CA GLN A 89 6.63 -11.39 11.92
C GLN A 89 6.48 -11.60 10.41
N CYS A 90 7.59 -11.93 9.75
CA CYS A 90 7.54 -12.18 8.30
C CYS A 90 6.75 -13.47 8.06
N ARG A 91 7.08 -14.51 8.81
CA ARG A 91 6.42 -15.80 8.67
C ARG A 91 4.90 -15.69 8.78
N ARG A 92 4.44 -14.87 9.72
CA ARG A 92 3.01 -14.68 9.95
C ARG A 92 2.28 -14.13 8.74
N ARG A 93 3.01 -13.43 7.87
CA ARG A 93 2.39 -12.82 6.72
C ARG A 93 2.43 -13.60 5.42
N TYR A 94 2.92 -14.84 5.48
CA TYR A 94 2.93 -15.70 4.30
C TYR A 94 1.74 -16.64 4.41
N ARG A 95 1.05 -16.82 3.30
CA ARG A 95 -0.13 -17.66 3.25
C ARG A 95 0.18 -19.11 2.92
N ARG A 96 -0.80 -19.98 3.12
CA ARG A 96 -0.63 -21.38 2.85
C ARG A 96 -0.88 -21.72 1.38
N VAL A 97 -0.09 -21.12 0.50
CA VAL A 97 -0.18 -21.37 -0.94
C VAL A 97 0.91 -22.39 -1.27
N PRO A 98 0.79 -23.09 -2.41
CA PRO A 98 1.77 -24.11 -2.81
C PRO A 98 3.22 -23.68 -2.96
N TYR A 99 3.45 -22.51 -3.53
CA TYR A 99 4.80 -22.05 -3.75
C TYR A 99 5.24 -20.79 -3.01
N HIS A 100 4.46 -19.72 -3.14
CA HIS A 100 4.83 -18.46 -2.49
C HIS A 100 4.51 -18.41 -1.01
N ASN A 101 4.99 -19.42 -0.30
CA ASN A 101 4.80 -19.52 1.14
C ASN A 101 6.13 -19.19 1.83
N PHE A 102 6.16 -19.30 3.15
CA PHE A 102 7.37 -18.97 3.90
C PHE A 102 8.61 -19.74 3.43
N TYR A 103 8.44 -21.00 3.02
CA TYR A 103 9.59 -21.78 2.58
C TYR A 103 10.30 -21.19 1.37
N HIS A 104 9.55 -20.53 0.49
CA HIS A 104 10.17 -19.91 -0.68
C HIS A 104 11.11 -18.78 -0.28
N VAL A 105 10.70 -17.95 0.67
CA VAL A 105 11.59 -16.84 1.05
C VAL A 105 12.76 -17.31 1.90
N VAL A 106 12.57 -18.39 2.65
CA VAL A 106 13.66 -18.94 3.44
C VAL A 106 14.68 -19.46 2.42
N ASP A 107 14.17 -20.10 1.36
CA ASP A 107 15.03 -20.61 0.31
C ASP A 107 15.79 -19.48 -0.40
N VAL A 108 15.10 -18.40 -0.75
CA VAL A 108 15.77 -17.30 -1.43
C VAL A 108 16.85 -16.68 -0.53
N CYS A 109 16.55 -16.56 0.76
CA CYS A 109 17.50 -16.01 1.71
C CYS A 109 18.76 -16.88 1.77
N GLN A 110 18.56 -18.17 1.97
CA GLN A 110 19.68 -19.12 2.06
C GLN A 110 20.47 -19.15 0.76
N THR A 111 19.77 -19.10 -0.36
CA THR A 111 20.40 -19.13 -1.68
C THR A 111 21.26 -17.88 -1.88
N LEU A 112 20.75 -16.72 -1.48
CA LEU A 112 21.52 -15.49 -1.63
C LEU A 112 22.79 -15.56 -0.80
N HIS A 113 22.72 -16.20 0.37
CA HIS A 113 23.90 -16.31 1.20
C HIS A 113 24.95 -17.09 0.40
N THR A 114 24.53 -18.17 -0.26
CA THR A 114 25.49 -18.94 -1.04
C THR A 114 26.08 -18.13 -2.20
N TYR A 115 25.29 -17.24 -2.79
CA TYR A 115 25.80 -16.43 -3.90
C TYR A 115 26.82 -15.41 -3.38
N LEU A 116 26.52 -14.81 -2.24
CA LEU A 116 27.40 -13.82 -1.64
C LEU A 116 28.70 -14.38 -1.12
N TYR A 117 28.64 -15.50 -0.42
CA TYR A 117 29.85 -16.04 0.17
C TYR A 117 30.50 -17.23 -0.53
N THR A 118 29.71 -18.19 -1.00
CA THR A 118 30.29 -19.30 -1.72
C THR A 118 30.59 -18.81 -3.13
N GLY A 119 29.66 -18.00 -3.67
CA GLY A 119 29.81 -17.46 -5.00
C GLY A 119 30.66 -16.20 -5.08
N LYS A 120 31.10 -15.71 -3.93
CA LYS A 120 31.96 -14.52 -3.85
C LYS A 120 31.33 -13.20 -4.30
N ALA A 121 30.00 -13.15 -4.43
CA ALA A 121 29.35 -11.92 -4.84
C ALA A 121 29.47 -10.81 -3.78
N SER A 122 29.78 -11.20 -2.55
CA SER A 122 29.95 -10.23 -1.47
C SER A 122 31.11 -9.28 -1.76
N GLU A 123 31.98 -9.68 -2.67
CA GLU A 123 33.14 -8.86 -3.04
C GLU A 123 32.73 -7.64 -3.84
N LEU A 124 31.50 -7.64 -4.34
CA LEU A 124 31.00 -6.53 -5.13
C LEU A 124 30.14 -5.58 -4.30
N LEU A 125 29.92 -5.92 -3.04
CA LEU A 125 29.07 -5.11 -2.16
C LEU A 125 29.69 -4.77 -0.81
N THR A 126 29.08 -3.83 -0.10
CA THR A 126 29.55 -3.48 1.23
C THR A 126 28.88 -4.48 2.17
N GLU A 127 29.37 -4.56 3.41
CA GLU A 127 28.77 -5.49 4.37
C GLU A 127 27.33 -5.09 4.67
N LEU A 128 27.07 -3.79 4.70
CA LEU A 128 25.71 -3.31 4.96
C LEU A 128 24.77 -3.79 3.85
N GLU A 129 25.23 -3.72 2.60
CA GLU A 129 24.41 -4.14 1.47
C GLU A 129 24.16 -5.65 1.50
N CYS A 130 25.14 -6.42 1.97
CA CYS A 130 24.97 -7.86 2.07
C CYS A 130 23.89 -8.16 3.10
N TYR A 131 23.94 -7.43 4.23
CA TYR A 131 22.98 -7.59 5.31
C TYR A 131 21.57 -7.25 4.82
N VAL A 132 21.43 -6.08 4.19
CA VAL A 132 20.14 -5.66 3.68
C VAL A 132 19.59 -6.64 2.64
N LEU A 133 20.46 -7.16 1.78
CA LEU A 133 20.02 -8.10 0.76
C LEU A 133 19.42 -9.36 1.40
N LEU A 134 20.08 -9.89 2.42
CA LEU A 134 19.61 -11.09 3.09
C LEU A 134 18.28 -10.85 3.82
N VAL A 135 18.15 -9.68 4.46
CA VAL A 135 16.93 -9.32 5.17
C VAL A 135 15.80 -9.17 4.15
N THR A 136 16.10 -8.52 3.03
CA THR A 136 15.11 -8.29 1.98
C THR A 136 14.52 -9.59 1.46
N ALA A 137 15.34 -10.63 1.37
CA ALA A 137 14.84 -11.91 0.89
C ALA A 137 13.61 -12.37 1.68
N LEU A 138 13.61 -12.14 2.98
CA LEU A 138 12.51 -12.57 3.84
C LEU A 138 11.20 -11.79 3.67
N VAL A 139 11.28 -10.57 3.16
CA VAL A 139 10.08 -9.75 2.99
C VAL A 139 9.64 -9.62 1.54
N HIS A 140 10.43 -10.13 0.61
CA HIS A 140 10.14 -9.91 -0.81
C HIS A 140 8.84 -10.45 -1.42
N ASP A 141 8.14 -11.34 -0.74
CA ASP A 141 6.88 -11.88 -1.25
C ASP A 141 5.75 -11.83 -0.21
N LEU A 142 5.92 -11.00 0.82
CA LEU A 142 4.90 -10.91 1.88
C LEU A 142 3.45 -10.87 1.44
N ASP A 143 2.65 -11.76 2.02
CA ASP A 143 1.21 -11.85 1.76
C ASP A 143 0.83 -12.17 0.32
N HIS A 144 1.70 -12.90 -0.37
CA HIS A 144 1.41 -13.32 -1.74
C HIS A 144 0.17 -14.20 -1.63
N MET A 145 -0.75 -14.06 -2.58
CA MET A 145 -2.00 -14.83 -2.55
C MET A 145 -2.03 -16.01 -3.50
N GLY A 146 -0.91 -16.30 -4.15
CA GLY A 146 -0.88 -17.44 -5.06
C GLY A 146 -1.27 -17.12 -6.49
N VAL A 147 -1.44 -15.85 -6.82
CA VAL A 147 -1.79 -15.45 -8.18
C VAL A 147 -0.82 -14.35 -8.60
N ASN A 148 -0.51 -14.27 -9.90
CA ASN A 148 0.42 -13.25 -10.37
C ASN A 148 -0.22 -11.89 -10.63
N ASN A 149 0.58 -10.90 -10.98
CA ASN A 149 0.06 -9.55 -11.22
C ASN A 149 -1.01 -9.53 -12.31
N SER A 150 -0.83 -10.35 -13.34
CA SER A 150 -1.79 -10.39 -14.44
C SER A 150 -3.20 -10.73 -13.97
N PHE A 151 -3.29 -11.64 -13.00
CA PHE A 151 -4.58 -12.06 -12.47
C PHE A 151 -5.39 -10.87 -11.95
N TYR A 152 -4.74 -9.99 -11.19
CA TYR A 152 -5.42 -8.84 -10.65
C TYR A 152 -5.99 -7.92 -11.73
N LEU A 153 -5.28 -7.82 -12.84
CA LEU A 153 -5.74 -6.98 -13.94
C LEU A 153 -6.86 -7.67 -14.73
N LYS A 154 -6.67 -8.94 -15.04
CA LYS A 154 -7.66 -9.71 -15.80
C LYS A 154 -9.02 -9.84 -15.13
N THR A 155 -9.04 -9.90 -13.81
CA THR A 155 -10.27 -10.08 -13.06
C THR A 155 -10.89 -8.81 -12.48
N ASP A 156 -10.38 -7.65 -12.87
CA ASP A 156 -10.88 -6.38 -12.37
C ASP A 156 -10.87 -6.33 -10.85
N SER A 157 -9.87 -6.95 -10.24
CA SER A 157 -9.75 -6.96 -8.78
C SER A 157 -9.46 -5.53 -8.34
N PRO A 158 -9.90 -5.16 -7.12
CA PRO A 158 -9.65 -3.80 -6.63
C PRO A 158 -8.17 -3.41 -6.69
N LEU A 159 -7.29 -4.33 -6.30
CA LEU A 159 -5.86 -4.07 -6.33
C LEU A 159 -5.42 -3.79 -7.76
N GLY A 160 -6.05 -4.46 -8.71
CA GLY A 160 -5.71 -4.25 -10.11
C GLY A 160 -6.16 -2.88 -10.58
N ILE A 161 -7.36 -2.47 -10.14
CA ILE A 161 -7.91 -1.19 -10.51
C ILE A 161 -7.06 -0.05 -9.95
N LEU A 162 -6.60 -0.21 -8.71
CA LEU A 162 -5.76 0.81 -8.08
C LEU A 162 -4.46 0.95 -8.87
N SER A 163 -3.94 -0.17 -9.34
CA SER A 163 -2.70 -0.18 -10.11
C SER A 163 -2.87 0.61 -11.41
N SER A 164 -4.00 0.38 -12.07
CA SER A 164 -4.30 1.06 -13.32
C SER A 164 -4.40 2.57 -13.09
N ALA A 165 -5.02 2.94 -11.99
CA ALA A 165 -5.21 4.35 -11.65
C ALA A 165 -3.95 5.02 -11.10
N SER A 166 -3.16 4.28 -10.33
CA SER A 166 -1.95 4.83 -9.73
C SER A 166 -0.79 4.94 -10.71
N GLY A 167 -0.77 4.06 -11.71
CA GLY A 167 0.29 4.11 -12.71
C GLY A 167 1.38 3.07 -12.55
N ASN A 168 1.32 2.28 -11.48
CA ASN A 168 2.34 1.25 -11.25
C ASN A 168 1.76 -0.13 -11.51
N ASN A 169 2.39 -0.88 -12.42
CA ASN A 169 1.93 -2.21 -12.78
C ASN A 169 2.45 -3.33 -11.89
N SER A 170 3.32 -3.02 -10.95
CA SER A 170 3.86 -4.03 -10.04
C SER A 170 2.96 -4.13 -8.82
N VAL A 171 1.74 -4.64 -9.05
CA VAL A 171 0.73 -4.81 -8.02
C VAL A 171 1.25 -5.48 -6.75
N LEU A 172 1.74 -6.70 -6.91
CA LEU A 172 2.24 -7.48 -5.78
C LEU A 172 3.48 -6.88 -5.10
N GLU A 173 4.47 -6.51 -5.89
CA GLU A 173 5.72 -5.99 -5.33
C GLU A 173 5.57 -4.74 -4.46
N VAL A 174 4.70 -3.81 -4.84
CA VAL A 174 4.51 -2.62 -4.03
C VAL A 174 3.85 -3.06 -2.71
N HIS A 175 2.94 -4.02 -2.81
CA HIS A 175 2.24 -4.55 -1.63
C HIS A 175 3.26 -5.18 -0.68
N HIS A 176 4.21 -5.96 -1.22
CA HIS A 176 5.20 -6.59 -0.34
C HIS A 176 6.03 -5.52 0.38
N CYS A 177 6.37 -4.44 -0.33
CA CYS A 177 7.14 -3.36 0.27
C CYS A 177 6.36 -2.70 1.39
N SER A 178 5.08 -2.48 1.16
CA SER A 178 4.21 -1.85 2.16
C SER A 178 4.17 -2.65 3.44
N LEU A 179 4.10 -3.97 3.32
CA LEU A 179 4.07 -4.83 4.50
C LEU A 179 5.44 -4.90 5.17
N ALA A 180 6.50 -4.80 4.38
CA ALA A 180 7.85 -4.82 4.95
C ALA A 180 7.99 -3.61 5.86
N ILE A 181 7.52 -2.46 5.37
CA ILE A 181 7.58 -1.21 6.13
C ILE A 181 6.78 -1.35 7.42
N GLU A 182 5.62 -1.99 7.34
CA GLU A 182 4.77 -2.19 8.51
C GLU A 182 5.50 -3.01 9.58
N ILE A 183 6.09 -4.12 9.17
CA ILE A 183 6.83 -4.98 10.09
C ILE A 183 7.98 -4.24 10.77
N LEU A 184 8.77 -3.53 9.97
CA LEU A 184 9.92 -2.79 10.47
C LEU A 184 9.58 -1.58 11.34
N SER A 185 8.33 -1.14 11.30
CA SER A 185 7.91 0.01 12.09
C SER A 185 7.79 -0.36 13.57
N ASP A 186 7.82 -1.67 13.84
CA ASP A 186 7.73 -2.20 15.19
C ASP A 186 9.14 -2.27 15.79
N PRO A 187 9.39 -1.51 16.86
CA PRO A 187 10.72 -1.52 17.49
C PRO A 187 11.21 -2.92 17.86
N ALA A 188 10.26 -3.79 18.19
CA ALA A 188 10.59 -5.16 18.58
C ALA A 188 11.06 -6.05 17.44
N ALA A 189 10.83 -5.60 16.20
CA ALA A 189 11.23 -6.38 15.03
C ALA A 189 12.03 -5.56 14.03
N ASP A 190 12.45 -4.36 14.44
CA ASP A 190 13.21 -3.50 13.54
C ASP A 190 14.67 -3.91 13.43
N VAL A 191 14.99 -4.70 12.42
CA VAL A 191 16.36 -5.18 12.22
C VAL A 191 17.32 -4.10 11.71
N PHE A 192 16.81 -2.88 11.56
CA PHE A 192 17.62 -1.74 11.13
C PHE A 192 17.80 -0.82 12.35
N GLU A 193 17.41 -1.33 13.52
CA GLU A 193 17.47 -0.57 14.77
C GLU A 193 18.85 -0.01 15.13
N GLY A 194 19.91 -0.69 14.69
CA GLY A 194 21.25 -0.25 15.02
C GLY A 194 21.90 0.67 14.00
N LEU A 195 21.19 0.96 12.92
CA LEU A 195 21.73 1.82 11.89
C LEU A 195 21.52 3.31 12.17
N SER A 196 22.45 4.12 11.67
CA SER A 196 22.36 5.57 11.82
C SER A 196 21.20 6.01 10.94
N GLY A 197 20.72 7.23 11.15
CA GLY A 197 19.62 7.73 10.34
C GLY A 197 19.92 7.68 8.86
N GLN A 198 21.16 8.01 8.51
CA GLN A 198 21.59 8.02 7.11
C GLN A 198 21.57 6.60 6.54
N ASP A 199 22.11 5.65 7.30
CA ASP A 199 22.13 4.28 6.84
C ASP A 199 20.74 3.65 6.81
N VAL A 200 19.85 4.09 7.68
CA VAL A 200 18.50 3.54 7.70
C VAL A 200 17.79 3.92 6.40
N ALA A 201 17.92 5.18 5.99
CA ALA A 201 17.28 5.62 4.76
C ALA A 201 17.89 4.87 3.57
N TYR A 202 19.20 4.67 3.62
CA TYR A 202 19.90 3.95 2.57
C TYR A 202 19.39 2.51 2.49
N ALA A 203 19.26 1.89 3.66
CA ALA A 203 18.79 0.51 3.76
C ALA A 203 17.38 0.34 3.21
N TYR A 204 16.47 1.26 3.55
CA TYR A 204 15.11 1.17 3.06
C TYR A 204 15.04 1.30 1.54
N ARG A 205 15.81 2.22 0.98
CA ARG A 205 15.79 2.38 -0.46
C ARG A 205 16.32 1.13 -1.15
N ALA A 206 17.36 0.52 -0.58
CA ALA A 206 17.93 -0.68 -1.15
C ALA A 206 16.93 -1.84 -1.09
N LEU A 207 16.29 -2.00 0.07
CA LEU A 207 15.32 -3.07 0.24
C LEU A 207 14.17 -2.91 -0.77
N ILE A 208 13.64 -1.70 -0.87
CA ILE A 208 12.55 -1.40 -1.79
C ILE A 208 12.96 -1.62 -3.25
N ASP A 209 14.15 -1.14 -3.62
CA ASP A 209 14.63 -1.33 -4.99
C ASP A 209 14.70 -2.81 -5.33
N CYS A 210 15.22 -3.59 -4.38
CA CYS A 210 15.36 -5.02 -4.60
C CYS A 210 14.03 -5.74 -4.74
N VAL A 211 13.06 -5.41 -3.88
CA VAL A 211 11.75 -6.05 -3.97
C VAL A 211 11.08 -5.68 -5.30
N LEU A 212 11.13 -4.40 -5.66
CA LEU A 212 10.49 -3.98 -6.90
C LEU A 212 11.14 -4.63 -8.11
N ALA A 213 12.43 -4.93 -7.99
CA ALA A 213 13.17 -5.55 -9.08
C ALA A 213 12.75 -7.00 -9.34
N THR A 214 12.01 -7.61 -8.42
CA THR A 214 11.59 -8.99 -8.60
C THR A 214 10.37 -9.19 -9.50
N ASP A 215 9.77 -8.09 -9.96
CA ASP A 215 8.63 -8.22 -10.86
C ASP A 215 9.17 -8.70 -12.20
N MET A 216 8.80 -9.91 -12.60
CA MET A 216 9.29 -10.48 -13.85
C MET A 216 8.89 -9.73 -15.11
N ALA A 217 7.92 -8.82 -15.01
CA ALA A 217 7.52 -8.04 -16.18
C ALA A 217 8.66 -7.12 -16.58
N LYS A 218 9.55 -6.84 -15.63
CA LYS A 218 10.68 -5.95 -15.87
C LYS A 218 11.95 -6.74 -16.15
N HIS A 219 11.82 -8.04 -16.34
CA HIS A 219 12.98 -8.90 -16.56
C HIS A 219 13.92 -8.48 -17.69
N ALA A 220 13.38 -8.31 -18.90
CA ALA A 220 14.20 -7.92 -20.05
C ALA A 220 14.96 -6.64 -19.78
N ASP A 221 14.28 -5.64 -19.24
CA ASP A 221 14.93 -4.36 -18.94
C ASP A 221 16.01 -4.52 -17.88
N ALA A 222 15.70 -5.32 -16.86
CA ALA A 222 16.64 -5.57 -15.77
C ALA A 222 17.93 -6.20 -16.30
N LEU A 223 17.79 -7.15 -17.21
CA LEU A 223 18.97 -7.80 -17.78
C LEU A 223 19.72 -6.84 -18.69
N SER A 224 18.98 -6.02 -19.43
CA SER A 224 19.58 -5.03 -20.33
C SER A 224 20.47 -4.06 -19.56
N ARG A 225 19.94 -3.54 -18.45
CA ARG A 225 20.70 -2.61 -17.63
C ARG A 225 21.90 -3.29 -16.98
N PHE A 226 21.75 -4.56 -16.59
CA PHE A 226 22.85 -5.29 -16.00
C PHE A 226 23.96 -5.47 -17.02
N THR A 227 23.56 -5.77 -18.25
CA THR A 227 24.53 -5.97 -19.34
C THR A 227 25.30 -4.68 -19.63
N GLU A 228 24.58 -3.55 -19.62
CA GLU A 228 25.24 -2.26 -19.87
C GLU A 228 26.25 -2.01 -18.76
N LEU A 229 25.92 -2.44 -17.54
CA LEU A 229 26.83 -2.28 -16.41
C LEU A 229 28.12 -3.03 -16.72
N ALA A 230 27.99 -4.23 -17.26
CA ALA A 230 29.15 -5.04 -17.61
C ALA A 230 29.85 -4.49 -18.85
N THR A 231 29.09 -3.86 -19.74
CA THR A 231 29.64 -3.29 -20.97
C THR A 231 30.49 -2.06 -20.68
N SER A 232 30.06 -1.25 -19.72
CA SER A 232 30.79 -0.04 -19.37
C SER A 232 31.86 -0.28 -18.31
N GLY A 233 31.69 -1.35 -17.54
CA GLY A 233 32.67 -1.68 -16.50
C GLY A 233 32.20 -1.41 -15.08
N PHE A 234 32.11 -2.48 -14.29
CA PHE A 234 31.67 -2.37 -12.90
C PHE A 234 32.69 -1.61 -12.05
N GLU A 235 32.19 -0.65 -11.27
CA GLU A 235 33.05 0.13 -10.38
C GLU A 235 32.47 0.00 -8.97
N LYS A 236 33.20 -0.69 -8.10
CA LYS A 236 32.72 -0.91 -6.75
C LYS A 236 32.43 0.35 -5.94
N ASP A 237 33.11 1.46 -6.25
CA ASP A 237 32.86 2.68 -5.51
C ASP A 237 31.59 3.39 -5.95
N ASN A 238 30.96 2.88 -7.02
CA ASN A 238 29.74 3.49 -7.54
C ASN A 238 28.50 2.86 -6.88
N ASP A 239 27.81 3.64 -6.05
CA ASP A 239 26.62 3.14 -5.35
C ASP A 239 25.54 2.58 -6.27
N THR A 240 25.36 3.17 -7.45
CA THR A 240 24.34 2.68 -8.36
C THR A 240 24.73 1.34 -8.96
N HIS A 241 26.03 1.13 -9.16
CA HIS A 241 26.50 -0.15 -9.71
C HIS A 241 26.21 -1.24 -8.69
N ARG A 242 26.54 -0.98 -7.43
CA ARG A 242 26.31 -1.98 -6.40
C ARG A 242 24.82 -2.22 -6.20
N ARG A 243 24.01 -1.18 -6.40
CA ARG A 243 22.57 -1.34 -6.24
C ARG A 243 22.04 -2.28 -7.32
N LEU A 244 22.51 -2.11 -8.55
CA LEU A 244 22.08 -2.96 -9.64
C LEU A 244 22.55 -4.40 -9.38
N VAL A 245 23.71 -4.55 -8.74
CA VAL A 245 24.20 -5.88 -8.41
C VAL A 245 23.26 -6.53 -7.40
N MET A 246 22.81 -5.75 -6.42
CA MET A 246 21.88 -6.27 -5.42
C MET A 246 20.58 -6.72 -6.07
N GLU A 247 20.05 -5.89 -6.97
CA GLU A 247 18.80 -6.22 -7.64
C GLU A 247 18.95 -7.46 -8.50
N THR A 248 20.09 -7.59 -9.18
CA THR A 248 20.32 -8.73 -10.03
C THR A 248 20.47 -10.01 -9.21
N LEU A 249 21.11 -9.90 -8.04
CA LEU A 249 21.27 -11.06 -7.17
C LEU A 249 19.93 -11.54 -6.63
N ILE A 250 19.07 -10.63 -6.17
CA ILE A 250 17.79 -11.10 -5.65
C ILE A 250 16.96 -11.69 -6.78
N LYS A 251 17.10 -11.17 -7.99
CA LYS A 251 16.38 -11.73 -9.13
C LYS A 251 16.88 -13.15 -9.35
N ALA A 252 18.20 -13.32 -9.28
CA ALA A 252 18.81 -14.63 -9.47
C ALA A 252 18.30 -15.62 -8.43
N GLY A 253 18.30 -15.20 -7.16
CA GLY A 253 17.82 -16.07 -6.12
C GLY A 253 16.35 -16.44 -6.33
N ASP A 254 15.58 -15.47 -6.82
CA ASP A 254 14.16 -15.67 -7.06
C ASP A 254 13.88 -16.74 -8.12
N VAL A 255 14.73 -16.84 -9.13
CA VAL A 255 14.54 -17.85 -10.19
C VAL A 255 15.60 -18.94 -10.13
N SER A 256 16.14 -19.17 -8.93
CA SER A 256 17.19 -20.17 -8.72
C SER A 256 16.74 -21.63 -8.63
N ASN A 257 15.44 -21.87 -8.59
CA ASN A 257 14.96 -23.25 -8.49
C ASN A 257 15.59 -24.16 -9.55
N VAL A 258 15.71 -23.67 -10.77
CA VAL A 258 16.27 -24.47 -11.86
C VAL A 258 17.76 -24.73 -11.79
N THR A 259 18.45 -24.09 -10.85
CA THR A 259 19.88 -24.27 -10.70
C THR A 259 20.25 -25.18 -9.53
N LYS A 260 19.24 -25.71 -8.84
CA LYS A 260 19.50 -26.57 -7.69
C LYS A 260 19.63 -28.03 -8.12
N PRO A 261 20.21 -28.88 -7.26
CA PRO A 261 20.36 -30.31 -7.59
C PRO A 261 19.04 -30.80 -8.18
N PHE A 262 19.13 -31.59 -9.25
CA PHE A 262 17.92 -32.05 -9.94
C PHE A 262 16.69 -32.43 -9.12
N GLU A 263 16.83 -33.35 -8.17
CA GLU A 263 15.68 -33.77 -7.39
C GLU A 263 15.06 -32.61 -6.61
N THR A 264 15.92 -31.72 -6.12
CA THR A 264 15.43 -30.56 -5.36
C THR A 264 14.73 -29.61 -6.32
N SER A 265 15.36 -29.38 -7.47
CA SER A 265 14.78 -28.50 -8.49
C SER A 265 13.41 -29.04 -8.90
N ARG A 266 13.32 -30.36 -9.03
CA ARG A 266 12.08 -31.02 -9.42
C ARG A 266 10.97 -30.80 -8.40
N MET A 267 11.31 -30.86 -7.12
CA MET A 267 10.30 -30.64 -6.09
C MET A 267 9.79 -29.20 -6.11
N TRP A 268 10.69 -28.25 -6.39
CA TRP A 268 10.26 -26.86 -6.46
C TRP A 268 9.31 -26.71 -7.65
N ALA A 269 9.66 -27.35 -8.76
CA ALA A 269 8.83 -27.27 -9.97
C ALA A 269 7.42 -27.78 -9.73
N MET A 270 7.29 -28.82 -8.90
CA MET A 270 5.97 -29.37 -8.58
C MET A 270 5.16 -28.35 -7.82
N ALA A 271 5.81 -27.63 -6.90
CA ALA A 271 5.13 -26.61 -6.11
C ALA A 271 4.69 -25.44 -6.98
N VAL A 272 5.57 -24.96 -7.86
CA VAL A 272 5.23 -23.86 -8.75
C VAL A 272 4.05 -24.28 -9.62
N THR A 273 4.14 -25.48 -10.19
CA THR A 273 3.09 -25.98 -11.06
C THR A 273 1.73 -26.02 -10.38
N GLU A 274 1.68 -26.55 -9.15
CA GLU A 274 0.41 -26.61 -8.44
C GLU A 274 -0.15 -25.22 -8.15
N GLU A 275 0.72 -24.26 -7.83
CA GLU A 275 0.22 -22.92 -7.55
C GLU A 275 -0.37 -22.33 -8.83
N PHE A 276 0.32 -22.52 -9.95
CA PHE A 276 -0.15 -22.02 -11.23
C PHE A 276 -1.51 -22.64 -11.57
N TYR A 277 -1.63 -23.95 -11.39
CA TYR A 277 -2.89 -24.64 -11.68
C TYR A 277 -4.03 -24.08 -10.83
N ARG A 278 -3.73 -23.70 -9.60
CA ARG A 278 -4.79 -23.16 -8.75
C ARG A 278 -5.19 -21.78 -9.24
N GLN A 279 -4.25 -21.02 -9.80
CA GLN A 279 -4.61 -19.71 -10.33
C GLN A 279 -5.51 -19.96 -11.53
N GLY A 280 -5.16 -20.97 -12.33
CA GLY A 280 -5.95 -21.30 -13.49
C GLY A 280 -7.37 -21.69 -13.11
N ASP A 281 -7.50 -22.48 -12.05
CA ASP A 281 -8.83 -22.90 -11.59
C ASP A 281 -9.64 -21.67 -11.20
N MET A 282 -9.01 -20.71 -10.54
CA MET A 282 -9.69 -19.49 -10.12
C MET A 282 -10.09 -18.65 -11.34
N GLU A 283 -9.24 -18.65 -12.36
CA GLU A 283 -9.53 -17.87 -13.56
C GLU A 283 -10.73 -18.48 -14.29
N LYS A 284 -10.83 -19.80 -14.28
CA LYS A 284 -11.95 -20.47 -14.93
C LYS A 284 -13.23 -20.12 -14.19
N GLU A 285 -13.14 -19.99 -12.87
CA GLU A 285 -14.30 -19.66 -12.05
C GLU A 285 -14.73 -18.21 -12.25
N LYS A 286 -13.80 -17.36 -12.66
CA LYS A 286 -14.11 -15.96 -12.89
C LYS A 286 -14.38 -15.65 -14.36
N GLY A 287 -14.35 -16.68 -15.20
CA GLY A 287 -14.62 -16.51 -16.61
C GLY A 287 -13.59 -15.76 -17.43
N VAL A 288 -12.33 -15.84 -17.05
CA VAL A 288 -11.28 -15.16 -17.79
C VAL A 288 -10.35 -16.16 -18.47
N GLU A 289 -9.51 -15.66 -19.37
CA GLU A 289 -8.57 -16.49 -20.11
C GLU A 289 -7.56 -17.21 -19.22
N VAL A 290 -7.31 -18.46 -19.55
CA VAL A 290 -6.35 -19.29 -18.81
C VAL A 290 -5.26 -19.71 -19.77
N LEU A 291 -4.01 -19.32 -19.48
CA LEU A 291 -2.89 -19.69 -20.33
C LEU A 291 -2.54 -21.16 -20.07
N PRO A 292 -2.01 -21.86 -21.09
CA PRO A 292 -1.63 -23.26 -20.98
C PRO A 292 -0.88 -23.65 -19.71
N MET A 293 0.09 -22.84 -19.34
CA MET A 293 0.93 -23.06 -18.17
C MET A 293 0.14 -23.12 -16.86
N PHE A 294 -1.06 -22.57 -16.86
CA PHE A 294 -1.90 -22.54 -15.66
C PHE A 294 -3.10 -23.46 -15.78
N ASP A 295 -3.17 -24.22 -16.87
CA ASP A 295 -4.31 -25.11 -17.10
C ASP A 295 -4.08 -26.55 -16.65
N ARG A 296 -4.71 -26.89 -15.54
CA ARG A 296 -4.61 -28.21 -14.93
C ARG A 296 -5.15 -29.31 -15.87
N SER A 297 -6.20 -28.95 -16.61
CA SER A 297 -6.85 -29.88 -17.53
C SER A 297 -6.04 -30.37 -18.73
N LYS A 298 -4.97 -29.65 -19.07
CA LYS A 298 -4.15 -30.06 -20.21
C LYS A 298 -3.11 -31.10 -19.82
N ASN A 299 -2.94 -31.31 -18.52
CA ASN A 299 -1.99 -32.28 -17.99
C ASN A 299 -0.63 -32.21 -18.69
N ASN A 300 -0.04 -31.02 -18.69
CA ASN A 300 1.26 -30.81 -19.33
C ASN A 300 2.36 -31.57 -18.59
N GLU A 301 3.42 -31.90 -19.32
CA GLU A 301 4.55 -32.62 -18.76
C GLU A 301 5.43 -31.66 -17.97
N LEU A 302 5.81 -32.04 -16.76
CA LEU A 302 6.63 -31.18 -15.91
C LEU A 302 7.93 -30.82 -16.65
N ALA A 303 8.51 -31.80 -17.33
CA ALA A 303 9.76 -31.61 -18.08
C ALA A 303 9.65 -30.53 -19.15
N ARG A 304 8.54 -30.52 -19.88
CA ARG A 304 8.33 -29.54 -20.94
C ARG A 304 8.34 -28.11 -20.40
N GLY A 305 7.62 -27.88 -19.30
CA GLY A 305 7.56 -26.56 -18.72
C GLY A 305 8.89 -26.06 -18.20
N GLN A 306 9.68 -26.97 -17.61
CA GLN A 306 10.97 -26.61 -17.07
C GLN A 306 11.96 -26.31 -18.19
N ILE A 307 11.88 -27.07 -19.27
CA ILE A 307 12.77 -26.84 -20.40
C ILE A 307 12.45 -25.47 -21.02
N GLY A 308 11.17 -25.15 -21.12
CA GLY A 308 10.78 -23.86 -21.68
C GLY A 308 11.27 -22.71 -20.81
N PHE A 309 11.12 -22.85 -19.51
CA PHE A 309 11.55 -21.80 -18.59
C PHE A 309 13.08 -21.65 -18.62
N ILE A 310 13.79 -22.77 -18.68
CA ILE A 310 15.25 -22.73 -18.74
C ILE A 310 15.72 -22.09 -20.04
N ASP A 311 15.22 -22.60 -21.16
CA ASP A 311 15.61 -22.10 -22.47
C ASP A 311 15.38 -20.62 -22.73
N PHE A 312 14.23 -20.10 -22.34
CA PHE A 312 13.93 -18.70 -22.63
C PHE A 312 13.93 -17.70 -21.49
N VAL A 313 14.20 -18.14 -20.27
CA VAL A 313 14.22 -17.22 -19.15
C VAL A 313 15.41 -17.41 -18.23
N ALA A 314 15.31 -18.39 -17.33
CA ALA A 314 16.36 -18.66 -16.35
C ALA A 314 17.71 -19.07 -16.90
N GLY A 315 17.71 -19.91 -17.93
CA GLY A 315 18.96 -20.36 -18.51
C GLY A 315 19.85 -19.24 -19.00
N LYS A 316 19.32 -18.42 -19.90
CA LYS A 316 20.09 -17.30 -20.43
C LYS A 316 20.45 -16.31 -19.33
N PHE A 317 19.52 -16.09 -18.40
CA PHE A 317 19.77 -15.15 -17.32
C PHE A 317 21.01 -15.53 -16.52
N PHE A 318 21.10 -16.77 -16.07
CA PHE A 318 22.27 -17.18 -15.31
C PHE A 318 23.54 -17.19 -16.14
N ARG A 319 23.45 -17.67 -17.38
CA ARG A 319 24.61 -17.70 -18.25
C ARG A 319 25.16 -16.28 -18.45
N ASP A 320 24.24 -15.33 -18.63
CA ASP A 320 24.61 -13.94 -18.84
C ASP A 320 25.21 -13.26 -17.61
N ILE A 321 24.55 -13.37 -16.46
CA ILE A 321 25.08 -12.71 -15.27
C ILE A 321 26.35 -13.35 -14.74
N VAL A 322 26.47 -14.66 -14.87
CA VAL A 322 27.67 -15.35 -14.40
C VAL A 322 28.84 -15.06 -15.33
N GLY A 323 28.58 -15.12 -16.63
CA GLY A 323 29.64 -14.87 -17.60
C GLY A 323 30.11 -13.42 -17.64
N ASN A 324 29.23 -12.49 -17.32
CA ASN A 324 29.59 -11.07 -17.36
C ASN A 324 30.05 -10.41 -16.07
N LEU A 325 29.80 -11.04 -14.92
CA LEU A 325 30.22 -10.44 -13.66
C LEU A 325 30.32 -11.38 -12.46
N PHE A 326 29.32 -12.23 -12.28
CA PHE A 326 29.32 -13.16 -11.15
C PHE A 326 30.03 -14.46 -11.53
N HIS A 327 31.33 -14.36 -11.82
CA HIS A 327 32.11 -15.52 -12.23
C HIS A 327 32.20 -16.63 -11.18
N GLY A 328 32.08 -16.27 -9.91
CA GLY A 328 32.15 -17.26 -8.86
C GLY A 328 30.92 -18.16 -8.72
N MET A 329 29.88 -17.85 -9.49
CA MET A 329 28.64 -18.63 -9.45
C MET A 329 28.51 -19.59 -10.64
N GLN A 330 29.66 -20.06 -11.14
CA GLN A 330 29.66 -20.97 -12.27
C GLN A 330 28.83 -22.24 -12.02
N TRP A 331 28.81 -22.72 -10.79
CA TRP A 331 28.05 -23.93 -10.48
C TRP A 331 26.57 -23.78 -10.84
N CYS A 332 26.05 -22.55 -10.80
CA CYS A 332 24.65 -22.30 -11.13
C CYS A 332 24.42 -22.64 -12.59
N VAL A 333 25.33 -22.19 -13.46
CA VAL A 333 25.24 -22.45 -14.88
C VAL A 333 25.43 -23.93 -15.17
N ASP A 334 26.44 -24.53 -14.54
CA ASP A 334 26.70 -25.95 -14.76
C ASP A 334 25.51 -26.80 -14.37
N THR A 335 24.84 -26.43 -13.27
CA THR A 335 23.70 -27.20 -12.81
C THR A 335 22.44 -26.99 -13.64
N VAL A 336 22.20 -25.77 -14.09
CA VAL A 336 21.01 -25.53 -14.90
C VAL A 336 21.17 -26.29 -16.22
N ASN A 337 22.40 -26.36 -16.72
CA ASN A 337 22.64 -27.06 -17.98
C ASN A 337 22.46 -28.57 -17.79
N SER A 338 22.97 -29.10 -16.69
CA SER A 338 22.83 -30.53 -16.42
C SER A 338 21.37 -30.87 -16.13
N ASN A 339 20.64 -29.92 -15.55
CA ASN A 339 19.23 -30.14 -15.26
C ASN A 339 18.43 -30.18 -16.56
N ARG A 340 18.72 -29.28 -17.48
CA ARG A 340 17.99 -29.27 -18.75
C ARG A 340 18.19 -30.61 -19.44
N ALA A 341 19.42 -31.11 -19.40
CA ALA A 341 19.74 -32.39 -20.02
C ALA A 341 18.91 -33.51 -19.40
N LYS A 342 18.75 -33.48 -18.09
CA LYS A 342 17.98 -34.51 -17.39
C LYS A 342 16.49 -34.41 -17.75
N TRP A 343 15.98 -33.20 -17.90
CA TRP A 343 14.57 -33.02 -18.26
C TRP A 343 14.37 -33.55 -19.68
N GLN A 344 15.34 -33.29 -20.54
CA GLN A 344 15.27 -33.72 -21.93
C GLN A 344 15.32 -35.25 -22.01
N GLU A 345 16.08 -35.86 -21.12
CA GLU A 345 16.19 -37.32 -21.10
C GLU A 345 14.87 -37.93 -20.63
N ILE A 346 14.19 -37.24 -19.72
CA ILE A 346 12.91 -37.71 -19.21
C ILE A 346 11.88 -37.67 -20.34
N LEU A 347 12.03 -36.69 -21.23
CA LEU A 347 11.12 -36.55 -22.35
C LEU A 347 11.45 -37.55 -23.44
N ASP A 348 12.73 -37.63 -23.81
CA ASP A 348 13.16 -38.56 -24.85
C ASP A 348 12.88 -40.00 -24.41
N GLY A 349 12.84 -40.20 -23.10
CA GLY A 349 12.57 -41.53 -22.57
C GLY A 349 11.09 -41.84 -22.55
N ARG A 350 10.26 -40.80 -22.65
CA ARG A 350 8.82 -40.97 -22.64
C ARG A 350 8.24 -40.70 -24.03
N VAL B 16 -8.62 -10.76 10.30
CA VAL B 16 -9.64 -9.67 10.25
C VAL B 16 -10.33 -9.50 11.60
N ILE B 17 -10.21 -8.31 12.17
CA ILE B 17 -10.82 -8.02 13.47
C ILE B 17 -12.25 -7.52 13.25
N ALA B 18 -13.22 -8.38 13.59
CA ALA B 18 -14.63 -8.06 13.43
C ALA B 18 -15.12 -6.98 14.38
N VAL B 19 -16.18 -6.29 13.96
CA VAL B 19 -16.80 -5.25 14.77
C VAL B 19 -17.72 -5.98 15.74
N THR B 20 -17.68 -5.59 17.01
CA THR B 20 -18.51 -6.25 18.02
C THR B 20 -19.91 -5.66 18.18
N PRO B 21 -20.84 -6.46 18.72
CA PRO B 21 -22.22 -5.98 18.92
C PRO B 21 -22.24 -4.77 19.85
N GLU B 22 -21.32 -4.74 20.80
CA GLU B 22 -21.22 -3.63 21.74
C GLU B 22 -20.89 -2.35 21.00
N GLU B 23 -19.91 -2.43 20.11
CA GLU B 23 -19.50 -1.27 19.32
C GLU B 23 -20.64 -0.75 18.46
N ARG B 24 -21.40 -1.65 17.86
CA ARG B 24 -22.54 -1.23 17.04
C ARG B 24 -23.62 -0.63 17.94
N GLU B 25 -23.84 -1.27 19.09
CA GLU B 25 -24.85 -0.81 20.03
C GLU B 25 -24.57 0.58 20.58
N ALA B 26 -23.28 0.88 20.78
CA ALA B 26 -22.88 2.18 21.30
C ALA B 26 -23.26 3.32 20.36
N VAL B 27 -23.31 3.02 19.06
CA VAL B 27 -23.67 4.02 18.07
C VAL B 27 -25.18 4.11 17.93
N MET B 28 -25.83 2.95 17.86
CA MET B 28 -27.28 2.90 17.71
C MET B 28 -28.04 3.48 18.91
N SER B 29 -27.42 3.44 20.08
CA SER B 29 -28.07 3.96 21.29
C SER B 29 -28.02 5.48 21.37
N ILE B 30 -27.18 6.10 20.55
CA ILE B 30 -27.08 7.56 20.55
C ILE B 30 -28.42 8.17 20.17
N ASP B 31 -28.97 9.00 21.07
CA ASP B 31 -30.26 9.64 20.84
C ASP B 31 -30.08 11.10 20.47
N PHE B 32 -30.36 11.44 19.21
CA PHE B 32 -30.22 12.82 18.76
C PHE B 32 -31.47 13.63 19.06
N GLY B 33 -32.52 12.94 19.50
CA GLY B 33 -33.78 13.59 19.84
C GLY B 33 -34.29 14.56 18.79
N GLY B 34 -34.09 14.22 17.52
CA GLY B 34 -34.55 15.08 16.44
C GLY B 34 -34.19 16.54 16.62
N ALA B 35 -33.02 16.79 17.20
CA ALA B 35 -32.56 18.16 17.43
C ALA B 35 -31.48 18.56 16.43
N TYR B 36 -31.32 17.76 15.38
CA TYR B 36 -30.31 18.03 14.36
C TYR B 36 -30.80 17.65 12.97
N ASP B 37 -30.43 18.46 11.98
CA ASP B 37 -30.78 18.18 10.59
C ASP B 37 -29.47 17.89 9.87
N PHE B 38 -29.14 16.61 9.77
CA PHE B 38 -27.91 16.18 9.13
C PHE B 38 -27.84 16.48 7.64
N THR B 39 -28.95 16.90 7.05
CA THR B 39 -28.94 17.21 5.62
C THR B 39 -28.77 18.71 5.37
N SER B 40 -28.69 19.48 6.45
CA SER B 40 -28.56 20.92 6.35
C SER B 40 -27.13 21.47 6.35
N PRO B 41 -26.86 22.48 5.52
CA PRO B 41 -25.52 23.08 5.45
C PRO B 41 -25.18 23.71 6.80
N GLY B 42 -26.22 24.02 7.56
CA GLY B 42 -26.04 24.65 8.87
C GLY B 42 -25.69 23.69 9.99
N PHE B 43 -25.67 22.39 9.70
CA PHE B 43 -25.34 21.40 10.71
C PHE B 43 -23.93 21.66 11.26
N ASN B 44 -23.81 21.66 12.58
CA ASN B 44 -22.55 21.93 13.26
C ASN B 44 -22.03 20.69 13.99
N LEU B 45 -21.06 19.99 13.40
CA LEU B 45 -20.50 18.80 14.02
C LEU B 45 -19.83 19.07 15.35
N PHE B 46 -19.31 20.28 15.54
CA PHE B 46 -18.66 20.61 16.80
C PHE B 46 -19.67 20.63 17.94
N GLU B 47 -20.91 21.00 17.62
CA GLU B 47 -21.96 21.06 18.63
C GLU B 47 -22.25 19.65 19.12
N VAL B 48 -22.30 18.70 18.18
CA VAL B 48 -22.54 17.31 18.51
C VAL B 48 -21.41 16.77 19.37
N ARG B 49 -20.18 17.07 18.97
CA ARG B 49 -19.01 16.60 19.71
C ARG B 49 -18.98 17.14 21.13
N GLU B 50 -19.55 18.31 21.35
CA GLU B 50 -19.54 18.91 22.68
C GLU B 50 -20.72 18.52 23.56
N LYS B 51 -21.83 18.10 22.95
CA LYS B 51 -23.02 17.73 23.71
C LYS B 51 -23.17 16.24 24.03
N TYR B 52 -22.28 15.41 23.49
CA TYR B 52 -22.35 13.97 23.74
C TYR B 52 -21.09 13.44 24.42
N SER B 53 -21.28 12.67 25.49
CA SER B 53 -20.18 12.10 26.24
C SER B 53 -19.33 11.16 25.40
N GLU B 54 -19.94 10.59 24.36
CA GLU B 54 -19.26 9.68 23.45
C GLU B 54 -19.28 10.33 22.06
N PRO B 55 -18.45 11.36 21.86
CA PRO B 55 -18.41 12.06 20.57
C PRO B 55 -18.08 11.20 19.34
N MET B 56 -17.23 10.20 19.50
CA MET B 56 -16.86 9.33 18.38
C MET B 56 -18.05 8.45 17.98
N ASP B 57 -18.82 8.00 18.97
CA ASP B 57 -20.00 7.20 18.67
C ASP B 57 -21.06 8.10 18.07
N ALA B 58 -21.16 9.32 18.59
CA ALA B 58 -22.14 10.28 18.07
C ALA B 58 -21.80 10.62 16.62
N ALA B 59 -20.51 10.81 16.34
CA ALA B 59 -20.09 11.14 14.98
C ALA B 59 -20.44 10.01 14.03
N ALA B 60 -20.20 8.78 14.45
CA ALA B 60 -20.51 7.61 13.63
C ALA B 60 -22.02 7.59 13.42
N GLY B 61 -22.77 7.96 14.47
CA GLY B 61 -24.21 7.99 14.37
C GLY B 61 -24.70 9.00 13.35
N VAL B 62 -23.99 10.11 13.21
CA VAL B 62 -24.38 11.14 12.25
C VAL B 62 -24.34 10.58 10.83
N VAL B 63 -23.23 9.94 10.48
CA VAL B 63 -23.10 9.40 9.13
C VAL B 63 -23.98 8.17 8.91
N TYR B 64 -24.18 7.36 9.94
CA TYR B 64 -25.04 6.19 9.77
C TYR B 64 -26.46 6.66 9.47
N ASN B 65 -26.94 7.60 10.27
CA ASN B 65 -28.28 8.13 10.09
C ASN B 65 -28.43 8.80 8.72
N LEU B 66 -27.50 9.69 8.40
CA LEU B 66 -27.55 10.41 7.13
C LEU B 66 -27.52 9.47 5.92
N LEU B 67 -26.60 8.52 5.91
CA LEU B 67 -26.49 7.62 4.78
C LEU B 67 -27.64 6.63 4.68
N TRP B 68 -28.03 6.03 5.81
CA TRP B 68 -29.15 5.08 5.73
C TRP B 68 -30.44 5.77 5.33
N ASN B 69 -30.71 6.92 5.93
CA ASN B 69 -31.93 7.67 5.64
C ASN B 69 -32.00 8.22 4.21
N SER B 70 -30.87 8.25 3.50
CA SER B 70 -30.85 8.75 2.14
C SER B 70 -31.53 7.75 1.21
N GLY B 71 -31.62 6.51 1.65
CA GLY B 71 -32.23 5.47 0.83
C GLY B 71 -31.27 4.81 -0.13
N LEU B 72 -30.08 5.41 -0.29
CA LEU B 72 -29.08 4.87 -1.21
C LEU B 72 -28.55 3.49 -0.83
N PRO B 73 -28.19 3.27 0.44
CA PRO B 73 -27.69 1.95 0.80
C PRO B 73 -28.71 0.85 0.45
N GLU B 74 -29.95 1.05 0.89
CA GLU B 74 -31.01 0.08 0.62
C GLU B 74 -31.19 -0.12 -0.88
N LYS B 75 -31.19 0.97 -1.63
CA LYS B 75 -31.36 0.89 -3.09
C LYS B 75 -30.31 -0.01 -3.74
N PHE B 76 -29.09 0.03 -3.22
CA PHE B 76 -28.02 -0.78 -3.81
C PHE B 76 -27.68 -2.07 -3.06
N GLY B 77 -28.63 -2.54 -2.27
CA GLY B 77 -28.43 -3.80 -1.56
C GLY B 77 -27.48 -3.84 -0.38
N CYS B 78 -27.14 -2.69 0.18
CA CYS B 78 -26.27 -2.67 1.34
C CYS B 78 -27.13 -2.81 2.59
N ARG B 79 -26.80 -3.79 3.44
CA ARG B 79 -27.55 -4.01 4.66
C ARG B 79 -27.20 -2.97 5.71
N GLU B 80 -28.14 -2.72 6.61
CA GLU B 80 -27.95 -1.76 7.70
C GLU B 80 -26.69 -2.05 8.50
N GLN B 81 -26.54 -3.30 8.90
CA GLN B 81 -25.40 -3.71 9.70
C GLN B 81 -24.09 -3.57 8.93
N THR B 82 -24.14 -3.84 7.63
CA THR B 82 -22.94 -3.73 6.80
C THR B 82 -22.49 -2.27 6.76
N LEU B 83 -23.44 -1.36 6.58
CA LEU B 83 -23.13 0.07 6.54
C LEU B 83 -22.50 0.49 7.87
N LEU B 84 -23.09 0.06 8.98
CA LEU B 84 -22.55 0.41 10.29
C LEU B 84 -21.16 -0.17 10.51
N ASN B 85 -20.96 -1.43 10.12
CA ASN B 85 -19.65 -2.06 10.29
C ASN B 85 -18.61 -1.27 9.49
N PHE B 86 -18.99 -0.88 8.27
CA PHE B 86 -18.09 -0.11 7.42
C PHE B 86 -17.69 1.20 8.09
N ILE B 87 -18.68 1.91 8.64
CA ILE B 87 -18.41 3.18 9.31
C ILE B 87 -17.46 2.99 10.48
N LEU B 88 -17.66 1.92 11.25
CA LEU B 88 -16.81 1.64 12.40
C LEU B 88 -15.42 1.14 12.00
N GLN B 89 -15.33 0.39 10.90
CA GLN B 89 -14.03 -0.10 10.44
C GLN B 89 -13.22 1.09 9.95
N CYS B 90 -13.90 2.07 9.35
CA CYS B 90 -13.22 3.28 8.89
C CYS B 90 -12.73 4.04 10.11
N ARG B 91 -13.63 4.24 11.07
CA ARG B 91 -13.32 4.98 12.30
C ARG B 91 -12.08 4.43 13.00
N ARG B 92 -11.98 3.10 13.05
CA ARG B 92 -10.85 2.43 13.70
C ARG B 92 -9.52 2.83 13.09
N ARG B 93 -9.54 3.18 11.80
CA ARG B 93 -8.32 3.52 11.10
C ARG B 93 -7.94 5.00 11.08
N TYR B 94 -8.70 5.82 11.81
CA TYR B 94 -8.35 7.24 11.90
C TYR B 94 -7.62 7.45 13.22
N ARG B 95 -6.56 8.25 13.18
CA ARG B 95 -5.75 8.51 14.36
C ARG B 95 -6.19 9.72 15.18
N ARG B 96 -5.62 9.84 16.37
CA ARG B 96 -5.93 10.95 17.25
C ARG B 96 -5.08 12.17 16.94
N VAL B 97 -5.21 12.69 15.72
CA VAL B 97 -4.47 13.88 15.32
C VAL B 97 -5.45 15.06 15.42
N PRO B 98 -4.94 16.29 15.47
CA PRO B 98 -5.80 17.48 15.58
C PRO B 98 -6.87 17.71 14.51
N TYR B 99 -6.52 17.44 13.26
CA TYR B 99 -7.43 17.69 12.16
C TYR B 99 -7.86 16.49 11.32
N HIS B 100 -6.89 15.73 10.82
CA HIS B 100 -7.23 14.58 9.99
C HIS B 100 -7.65 13.35 10.78
N ASN B 101 -8.65 13.55 11.63
CA ASN B 101 -9.21 12.49 12.45
C ASN B 101 -10.57 12.12 11.88
N PHE B 102 -11.26 11.19 12.54
CA PHE B 102 -12.57 10.74 12.08
C PHE B 102 -13.57 11.88 11.84
N TYR B 103 -13.51 12.92 12.65
CA TYR B 103 -14.45 14.02 12.50
C TYR B 103 -14.32 14.75 11.16
N HIS B 104 -13.11 14.81 10.62
CA HIS B 104 -12.91 15.46 9.33
C HIS B 104 -13.64 14.72 8.21
N VAL B 105 -13.56 13.38 8.19
CA VAL B 105 -14.23 12.64 7.14
C VAL B 105 -15.75 12.59 7.33
N VAL B 106 -16.19 12.66 8.58
CA VAL B 106 -17.63 12.68 8.85
C VAL B 106 -18.12 14.01 8.27
N ASP B 107 -17.36 15.07 8.50
CA ASP B 107 -17.69 16.40 8.00
C ASP B 107 -17.72 16.43 6.48
N VAL B 108 -16.70 15.86 5.84
CA VAL B 108 -16.68 15.84 4.38
C VAL B 108 -17.88 15.06 3.84
N CYS B 109 -18.20 13.93 4.47
CA CYS B 109 -19.34 13.13 4.04
C CYS B 109 -20.64 13.94 4.13
N GLN B 110 -20.87 14.55 5.29
CA GLN B 110 -22.08 15.34 5.50
C GLN B 110 -22.13 16.52 4.55
N THR B 111 -20.96 17.15 4.34
CA THR B 111 -20.89 18.30 3.46
C THR B 111 -21.22 17.89 2.02
N LEU B 112 -20.70 16.75 1.57
CA LEU B 112 -20.98 16.30 0.21
C LEU B 112 -22.46 16.04 0.04
N HIS B 113 -23.11 15.52 1.08
CA HIS B 113 -24.54 15.27 0.99
C HIS B 113 -25.25 16.59 0.72
N THR B 114 -24.84 17.66 1.40
CA THR B 114 -25.48 18.95 1.17
C THR B 114 -25.24 19.48 -0.24
N TYR B 115 -24.08 19.18 -0.82
CA TYR B 115 -23.79 19.63 -2.19
C TYR B 115 -24.65 18.88 -3.19
N LEU B 116 -24.79 17.59 -2.98
CA LEU B 116 -25.58 16.75 -3.88
C LEU B 116 -27.06 17.04 -3.83
N TYR B 117 -27.61 17.16 -2.63
CA TYR B 117 -29.05 17.34 -2.50
C TYR B 117 -29.56 18.75 -2.22
N THR B 118 -28.89 19.49 -1.35
CA THR B 118 -29.33 20.86 -1.09
C THR B 118 -28.76 21.72 -2.22
N GLY B 119 -27.54 21.37 -2.67
CA GLY B 119 -26.88 22.11 -3.72
C GLY B 119 -27.22 21.65 -5.14
N LYS B 120 -28.02 20.59 -5.24
CA LYS B 120 -28.47 20.07 -6.53
C LYS B 120 -27.41 19.42 -7.42
N ALA B 121 -26.23 19.13 -6.88
CA ALA B 121 -25.20 18.50 -7.70
C ALA B 121 -25.56 17.08 -8.11
N SER B 122 -26.52 16.47 -7.40
CA SER B 122 -26.93 15.11 -7.70
C SER B 122 -27.52 15.02 -9.11
N GLU B 123 -27.97 16.16 -9.64
CA GLU B 123 -28.55 16.21 -10.99
C GLU B 123 -27.53 15.94 -12.08
N LEU B 124 -26.25 15.99 -11.72
CA LEU B 124 -25.17 15.78 -12.68
C LEU B 124 -24.61 14.36 -12.61
N LEU B 125 -25.09 13.57 -11.66
CA LEU B 125 -24.59 12.21 -11.46
C LEU B 125 -25.69 11.16 -11.39
N THR B 126 -25.28 9.89 -11.46
CA THR B 126 -26.24 8.80 -11.35
C THR B 126 -26.37 8.54 -9.84
N GLU B 127 -27.41 7.82 -9.44
CA GLU B 127 -27.59 7.53 -8.03
C GLU B 127 -26.44 6.68 -7.49
N LEU B 128 -25.91 5.78 -8.34
CA LEU B 128 -24.80 4.94 -7.91
C LEU B 128 -23.59 5.82 -7.61
N GLU B 129 -23.35 6.80 -8.46
CA GLU B 129 -22.23 7.71 -8.27
C GLU B 129 -22.40 8.53 -7.00
N CYS B 130 -23.63 8.95 -6.70
CA CYS B 130 -23.87 9.72 -5.48
C CYS B 130 -23.55 8.85 -4.27
N TYR B 131 -23.98 7.59 -4.31
CA TYR B 131 -23.71 6.65 -3.23
C TYR B 131 -22.20 6.43 -3.07
N VAL B 132 -21.51 6.17 -4.17
CA VAL B 132 -20.08 5.95 -4.11
C VAL B 132 -19.33 7.19 -3.59
N LEU B 133 -19.79 8.37 -3.99
CA LEU B 133 -19.15 9.61 -3.54
C LEU B 133 -19.27 9.76 -2.02
N LEU B 134 -20.44 9.46 -1.47
CA LEU B 134 -20.64 9.57 -0.04
C LEU B 134 -19.81 8.55 0.73
N VAL B 135 -19.74 7.33 0.19
CA VAL B 135 -18.95 6.26 0.82
C VAL B 135 -17.47 6.64 0.78
N THR B 136 -17.04 7.16 -0.37
CA THR B 136 -15.66 7.56 -0.56
C THR B 136 -15.23 8.63 0.44
N ALA B 137 -16.14 9.50 0.82
CA ALA B 137 -15.79 10.56 1.77
C ALA B 137 -15.25 9.95 3.06
N LEU B 138 -15.83 8.83 3.49
CA LEU B 138 -15.41 8.19 4.74
C LEU B 138 -14.07 7.48 4.70
N VAL B 139 -13.58 7.14 3.52
CA VAL B 139 -12.30 6.45 3.42
C VAL B 139 -11.18 7.33 2.85
N HIS B 140 -11.52 8.55 2.43
CA HIS B 140 -10.52 9.37 1.77
C HIS B 140 -9.25 9.81 2.50
N ASP B 141 -9.20 9.69 3.83
CA ASP B 141 -8.02 10.06 4.60
C ASP B 141 -7.57 8.97 5.57
N LEU B 142 -7.97 7.73 5.33
CA LEU B 142 -7.63 6.63 6.22
C LEU B 142 -6.17 6.54 6.67
N ASP B 143 -5.99 6.42 7.98
CA ASP B 143 -4.66 6.29 8.60
C ASP B 143 -3.74 7.49 8.43
N HIS B 144 -4.33 8.67 8.27
CA HIS B 144 -3.55 9.88 8.14
C HIS B 144 -2.80 10.04 9.46
N MET B 145 -1.52 10.39 9.40
CA MET B 145 -0.71 10.54 10.60
C MET B 145 -0.47 11.99 11.03
N GLY B 146 -1.19 12.93 10.44
CA GLY B 146 -1.02 14.32 10.81
C GLY B 146 0.10 15.07 10.11
N VAL B 147 0.68 14.46 9.08
CA VAL B 147 1.73 15.12 8.30
C VAL B 147 1.37 14.97 6.84
N ASN B 148 1.74 15.96 6.02
CA ASN B 148 1.41 15.91 4.60
C ASN B 148 2.40 15.11 3.76
N ASN B 149 2.12 15.00 2.46
CA ASN B 149 2.98 14.25 1.55
C ASN B 149 4.41 14.76 1.55
N SER B 150 4.55 16.08 1.62
CA SER B 150 5.88 16.70 1.61
C SER B 150 6.75 16.19 2.75
N PHE B 151 6.15 16.03 3.93
CA PHE B 151 6.89 15.53 5.09
C PHE B 151 7.56 14.19 4.80
N TYR B 152 6.81 13.27 4.18
CA TYR B 152 7.35 11.96 3.88
C TYR B 152 8.55 12.01 2.94
N LEU B 153 8.51 12.92 1.97
CA LEU B 153 9.62 13.05 1.02
C LEU B 153 10.83 13.76 1.62
N LYS B 154 10.59 14.84 2.35
CA LYS B 154 11.66 15.62 2.96
C LYS B 154 12.44 14.87 4.05
N THR B 155 11.76 13.98 4.75
CA THR B 155 12.38 13.23 5.84
C THR B 155 12.89 11.85 5.48
N ASP B 156 12.80 11.48 4.20
CA ASP B 156 13.23 10.16 3.76
C ASP B 156 12.54 9.06 4.54
N SER B 157 11.25 9.25 4.81
CA SER B 157 10.48 8.26 5.54
C SER B 157 10.29 7.05 4.60
N PRO B 158 10.14 5.84 5.17
CA PRO B 158 9.95 4.65 4.35
C PRO B 158 8.83 4.77 3.32
N LEU B 159 7.69 5.32 3.73
CA LEU B 159 6.56 5.48 2.83
C LEU B 159 6.91 6.45 1.69
N GLY B 160 7.72 7.47 2.01
CA GLY B 160 8.12 8.43 1.00
C GLY B 160 9.06 7.77 0.01
N ILE B 161 9.98 6.96 0.53
CA ILE B 161 10.94 6.26 -0.30
C ILE B 161 10.22 5.31 -1.25
N LEU B 162 9.22 4.59 -0.73
CA LEU B 162 8.46 3.66 -1.57
C LEU B 162 7.70 4.38 -2.65
N SER B 163 7.10 5.52 -2.31
CA SER B 163 6.34 6.30 -3.28
C SER B 163 7.24 6.77 -4.42
N SER B 164 8.42 7.26 -4.06
CA SER B 164 9.37 7.74 -5.05
C SER B 164 9.83 6.60 -5.98
N ALA B 165 10.18 5.47 -5.38
CA ALA B 165 10.64 4.32 -6.14
C ALA B 165 9.56 3.71 -7.03
N SER B 166 8.31 3.75 -6.56
CA SER B 166 7.20 3.20 -7.32
C SER B 166 6.72 4.16 -8.40
N GLY B 167 7.11 5.43 -8.27
CA GLY B 167 6.72 6.42 -9.26
C GLY B 167 5.40 7.13 -9.03
N ASN B 168 5.00 7.28 -7.78
CA ASN B 168 3.75 7.98 -7.48
C ASN B 168 3.98 8.99 -6.35
N ASN B 169 3.74 10.26 -6.64
CA ASN B 169 3.94 11.32 -5.66
C ASN B 169 2.79 11.48 -4.67
N SER B 170 1.66 10.83 -4.95
CA SER B 170 0.51 10.92 -4.05
C SER B 170 0.70 9.92 -2.91
N VAL B 171 1.72 10.18 -2.10
CA VAL B 171 2.08 9.31 -0.99
C VAL B 171 0.90 8.82 -0.16
N LEU B 172 0.22 9.75 0.49
CA LEU B 172 -0.92 9.39 1.34
C LEU B 172 -2.15 8.89 0.62
N GLU B 173 -2.49 9.52 -0.49
CA GLU B 173 -3.70 9.12 -1.22
C GLU B 173 -3.71 7.67 -1.70
N VAL B 174 -2.58 7.17 -2.18
CA VAL B 174 -2.54 5.78 -2.61
C VAL B 174 -2.69 4.90 -1.38
N HIS B 175 -2.12 5.33 -0.26
CA HIS B 175 -2.21 4.60 1.00
C HIS B 175 -3.67 4.53 1.44
N HIS B 176 -4.37 5.65 1.35
CA HIS B 176 -5.79 5.69 1.73
C HIS B 176 -6.59 4.69 0.90
N CYS B 177 -6.29 4.63 -0.40
CA CYS B 177 -6.98 3.71 -1.29
C CYS B 177 -6.72 2.26 -0.90
N SER B 178 -5.48 1.95 -0.59
CA SER B 178 -5.11 0.59 -0.21
C SER B 178 -5.88 0.13 1.02
N LEU B 179 -6.02 1.02 2.01
CA LEU B 179 -6.75 0.67 3.22
C LEU B 179 -8.25 0.59 2.96
N ALA B 180 -8.74 1.39 2.02
CA ALA B 180 -10.15 1.36 1.67
C ALA B 180 -10.46 -0.01 1.10
N ILE B 181 -9.58 -0.49 0.24
CA ILE B 181 -9.73 -1.80 -0.38
C ILE B 181 -9.70 -2.90 0.68
N GLU B 182 -8.83 -2.73 1.67
CA GLU B 182 -8.69 -3.71 2.75
C GLU B 182 -10.00 -3.82 3.55
N ILE B 183 -10.56 -2.67 3.91
CA ILE B 183 -11.80 -2.63 4.67
C ILE B 183 -12.95 -3.28 3.91
N LEU B 184 -13.10 -2.91 2.63
CA LEU B 184 -14.17 -3.44 1.80
C LEU B 184 -14.00 -4.91 1.43
N SER B 185 -12.81 -5.46 1.63
CA SER B 185 -12.58 -6.87 1.30
C SER B 185 -13.25 -7.76 2.33
N ASP B 186 -13.63 -7.18 3.46
CA ASP B 186 -14.31 -7.87 4.54
C ASP B 186 -15.80 -7.93 4.19
N PRO B 187 -16.35 -9.14 4.00
CA PRO B 187 -17.77 -9.26 3.65
C PRO B 187 -18.71 -8.55 4.62
N ALA B 188 -18.33 -8.53 5.90
CA ALA B 188 -19.13 -7.90 6.93
C ALA B 188 -19.21 -6.38 6.82
N ALA B 189 -18.29 -5.79 6.07
CA ALA B 189 -18.27 -4.34 5.91
C ALA B 189 -18.26 -3.91 4.44
N ASP B 190 -18.60 -4.83 3.55
CA ASP B 190 -18.61 -4.52 2.12
C ASP B 190 -19.88 -3.79 1.70
N VAL B 191 -19.83 -2.46 1.69
CA VAL B 191 -21.00 -1.68 1.31
C VAL B 191 -21.35 -1.76 -0.18
N PHE B 192 -20.56 -2.51 -0.94
CA PHE B 192 -20.82 -2.72 -2.36
C PHE B 192 -21.35 -4.15 -2.51
N GLU B 193 -21.71 -4.77 -1.39
CA GLU B 193 -22.18 -6.15 -1.38
C GLU B 193 -23.41 -6.45 -2.22
N GLY B 194 -24.22 -5.43 -2.51
CA GLY B 194 -25.42 -5.65 -3.29
C GLY B 194 -25.31 -5.29 -4.76
N LEU B 195 -24.11 -4.90 -5.18
CA LEU B 195 -23.89 -4.51 -6.57
C LEU B 195 -23.50 -5.67 -7.47
N SER B 196 -23.83 -5.55 -8.75
CA SER B 196 -23.47 -6.57 -9.74
C SER B 196 -21.95 -6.50 -9.87
N GLY B 197 -21.35 -7.54 -10.44
CA GLY B 197 -19.90 -7.53 -10.60
C GLY B 197 -19.44 -6.33 -11.41
N GLN B 198 -20.22 -5.98 -12.42
CA GLN B 198 -19.90 -4.85 -13.29
C GLN B 198 -19.93 -3.55 -12.50
N ASP B 199 -20.97 -3.38 -11.68
CA ASP B 199 -21.10 -2.17 -10.88
C ASP B 199 -20.06 -2.10 -9.78
N VAL B 200 -19.61 -3.25 -9.29
CA VAL B 200 -18.59 -3.27 -8.24
C VAL B 200 -17.27 -2.73 -8.81
N ALA B 201 -16.88 -3.21 -9.99
CA ALA B 201 -15.66 -2.74 -10.62
C ALA B 201 -15.76 -1.25 -10.89
N TYR B 202 -16.92 -0.81 -11.38
CA TYR B 202 -17.17 0.59 -11.69
C TYR B 202 -17.06 1.44 -10.42
N ALA B 203 -17.66 0.96 -9.35
CA ALA B 203 -17.65 1.66 -8.08
C ALA B 203 -16.24 1.83 -7.52
N TYR B 204 -15.44 0.77 -7.59
CA TYR B 204 -14.07 0.84 -7.09
C TYR B 204 -13.25 1.87 -7.85
N ARG B 205 -13.39 1.90 -9.17
CA ARG B 205 -12.62 2.86 -9.94
C ARG B 205 -13.04 4.29 -9.61
N ALA B 206 -14.34 4.51 -9.41
CA ALA B 206 -14.82 5.84 -9.07
C ALA B 206 -14.29 6.26 -7.69
N LEU B 207 -14.35 5.33 -6.74
CA LEU B 207 -13.86 5.61 -5.39
C LEU B 207 -12.38 5.97 -5.42
N ILE B 208 -11.59 5.15 -6.11
CA ILE B 208 -10.16 5.38 -6.22
C ILE B 208 -9.87 6.69 -6.94
N ASP B 209 -10.57 6.96 -8.04
CA ASP B 209 -10.34 8.21 -8.77
C ASP B 209 -10.56 9.41 -7.85
N CYS B 210 -11.63 9.33 -7.06
CA CYS B 210 -11.96 10.43 -6.15
C CYS B 210 -10.93 10.63 -5.04
N VAL B 211 -10.47 9.54 -4.44
CA VAL B 211 -9.46 9.67 -3.38
C VAL B 211 -8.18 10.24 -3.97
N LEU B 212 -7.74 9.71 -5.11
CA LEU B 212 -6.51 10.21 -5.71
C LEU B 212 -6.62 11.69 -6.09
N ALA B 213 -7.82 12.14 -6.41
CA ALA B 213 -8.04 13.54 -6.78
C ALA B 213 -7.88 14.52 -5.62
N THR B 214 -7.86 14.01 -4.39
CA THR B 214 -7.73 14.89 -3.24
C THR B 214 -6.29 15.34 -2.95
N ASP B 215 -5.34 14.81 -3.71
CA ASP B 215 -3.92 15.20 -3.57
C ASP B 215 -3.83 16.66 -4.01
N MET B 216 -3.57 17.56 -3.07
CA MET B 216 -3.50 18.99 -3.41
C MET B 216 -2.41 19.38 -4.39
N ALA B 217 -1.48 18.47 -4.68
CA ALA B 217 -0.42 18.77 -5.64
C ALA B 217 -1.03 18.82 -7.04
N LYS B 218 -2.21 18.24 -7.19
CA LYS B 218 -2.91 18.20 -8.47
C LYS B 218 -3.99 19.28 -8.55
N HIS B 219 -4.07 20.13 -7.52
CA HIS B 219 -5.11 21.15 -7.48
C HIS B 219 -5.22 22.06 -8.71
N ALA B 220 -4.14 22.73 -9.08
CA ALA B 220 -4.17 23.62 -10.23
C ALA B 220 -4.69 22.93 -11.49
N ASP B 221 -4.18 21.72 -11.74
CA ASP B 221 -4.58 20.95 -12.90
C ASP B 221 -6.04 20.53 -12.80
N ALA B 222 -6.47 20.13 -11.60
CA ALA B 222 -7.84 19.71 -11.37
C ALA B 222 -8.82 20.85 -11.65
N LEU B 223 -8.47 22.04 -11.18
CA LEU B 223 -9.32 23.21 -11.40
C LEU B 223 -9.35 23.54 -12.88
N SER B 224 -8.19 23.46 -13.53
CA SER B 224 -8.09 23.73 -14.96
C SER B 224 -8.98 22.81 -15.78
N ARG B 225 -8.92 21.52 -15.47
CA ARG B 225 -9.72 20.53 -16.19
C ARG B 225 -11.20 20.76 -15.97
N PHE B 226 -11.58 21.11 -14.74
CA PHE B 226 -12.98 21.37 -14.45
C PHE B 226 -13.47 22.54 -15.29
N THR B 227 -12.69 23.62 -15.29
CA THR B 227 -13.05 24.81 -16.05
C THR B 227 -13.25 24.50 -17.52
N GLU B 228 -12.35 23.68 -18.08
CA GLU B 228 -12.43 23.32 -19.50
C GLU B 228 -13.71 22.53 -19.77
N LEU B 229 -14.06 21.63 -18.84
CA LEU B 229 -15.27 20.83 -19.00
C LEU B 229 -16.50 21.72 -18.98
N ALA B 230 -16.55 22.62 -18.01
CA ALA B 230 -17.67 23.53 -17.86
C ALA B 230 -17.87 24.44 -19.08
N THR B 231 -16.77 25.00 -19.58
CA THR B 231 -16.84 25.90 -20.73
C THR B 231 -17.12 25.19 -22.04
N SER B 232 -16.71 23.92 -22.14
CA SER B 232 -16.94 23.14 -23.36
C SER B 232 -18.35 22.57 -23.41
N GLY B 233 -18.97 22.40 -22.25
CA GLY B 233 -20.32 21.87 -22.21
C GLY B 233 -20.41 20.50 -21.57
N PHE B 234 -20.96 20.45 -20.37
CA PHE B 234 -21.12 19.20 -19.63
C PHE B 234 -22.12 18.29 -20.34
N GLU B 235 -21.72 17.05 -20.59
CA GLU B 235 -22.58 16.05 -21.23
C GLU B 235 -22.79 14.95 -20.18
N LYS B 236 -23.99 14.89 -19.63
CA LYS B 236 -24.29 13.90 -18.58
C LYS B 236 -24.15 12.44 -19.02
N ASP B 237 -24.27 12.17 -20.32
CA ASP B 237 -24.14 10.81 -20.81
C ASP B 237 -22.68 10.35 -20.87
N ASN B 238 -21.76 11.29 -20.68
CA ASN B 238 -20.34 10.99 -20.73
C ASN B 238 -19.81 10.62 -19.34
N ASP B 239 -19.42 9.36 -19.16
CA ASP B 239 -18.92 8.89 -17.87
C ASP B 239 -17.72 9.68 -17.36
N THR B 240 -16.86 10.12 -18.28
CA THR B 240 -15.68 10.89 -17.89
C THR B 240 -16.07 12.27 -17.38
N HIS B 241 -17.08 12.88 -18.00
CA HIS B 241 -17.55 14.19 -17.55
C HIS B 241 -18.09 14.05 -16.13
N ARG B 242 -18.88 13.02 -15.89
CA ARG B 242 -19.44 12.81 -14.56
C ARG B 242 -18.35 12.48 -13.55
N ARG B 243 -17.30 11.79 -14.00
CA ARG B 243 -16.21 11.44 -13.09
C ARG B 243 -15.49 12.71 -12.62
N LEU B 244 -15.30 13.65 -13.55
CA LEU B 244 -14.63 14.90 -13.21
C LEU B 244 -15.50 15.67 -12.23
N VAL B 245 -16.82 15.58 -12.40
CA VAL B 245 -17.74 16.25 -11.48
C VAL B 245 -17.57 15.64 -10.09
N MET B 246 -17.49 14.31 -10.01
CA MET B 246 -17.31 13.62 -8.73
C MET B 246 -16.01 14.06 -8.06
N GLU B 247 -14.92 14.09 -8.83
CA GLU B 247 -13.63 14.49 -8.28
C GLU B 247 -13.64 15.92 -7.80
N THR B 248 -14.33 16.79 -8.54
CA THR B 248 -14.41 18.20 -8.18
C THR B 248 -15.22 18.37 -6.90
N LEU B 249 -16.28 17.57 -6.75
CA LEU B 249 -17.11 17.65 -5.56
C LEU B 249 -16.36 17.22 -4.31
N ILE B 250 -15.64 16.10 -4.37
CA ILE B 250 -14.90 15.68 -3.19
C ILE B 250 -13.80 16.69 -2.87
N LYS B 251 -13.21 17.29 -3.90
CA LYS B 251 -12.18 18.30 -3.65
C LYS B 251 -12.81 19.49 -2.92
N ALA B 252 -14.01 19.88 -3.35
CA ALA B 252 -14.72 20.99 -2.73
C ALA B 252 -15.00 20.68 -1.26
N GLY B 253 -15.51 19.49 -0.98
CA GLY B 253 -15.80 19.13 0.39
C GLY B 253 -14.53 19.16 1.24
N ASP B 254 -13.43 18.73 0.64
CA ASP B 254 -12.15 18.66 1.33
C ASP B 254 -11.61 20.05 1.73
N VAL B 255 -11.99 21.09 1.01
CA VAL B 255 -11.54 22.44 1.35
C VAL B 255 -12.71 23.35 1.72
N SER B 256 -13.80 22.74 2.17
CA SER B 256 -15.02 23.47 2.53
C SER B 256 -15.03 24.16 3.88
N ASN B 257 -14.01 23.94 4.71
CA ASN B 257 -13.99 24.56 6.04
C ASN B 257 -14.24 26.07 6.04
N VAL B 258 -13.66 26.77 5.07
CA VAL B 258 -13.81 28.23 5.01
C VAL B 258 -15.16 28.72 4.50
N THR B 259 -16.01 27.78 4.07
CA THR B 259 -17.32 28.13 3.56
C THR B 259 -18.43 27.88 4.58
N LYS B 260 -18.05 27.45 5.79
CA LYS B 260 -19.01 27.18 6.84
C LYS B 260 -19.22 28.42 7.70
N PRO B 261 -20.31 28.45 8.50
CA PRO B 261 -20.56 29.61 9.35
C PRO B 261 -19.28 30.00 10.08
N PHE B 262 -19.01 31.30 10.13
CA PHE B 262 -17.77 31.80 10.74
C PHE B 262 -17.22 31.07 11.96
N GLU B 263 -18.01 30.98 13.02
CA GLU B 263 -17.56 30.32 14.24
C GLU B 263 -17.15 28.87 14.02
N THR B 264 -17.85 28.18 13.12
CA THR B 264 -17.54 26.79 12.81
C THR B 264 -16.25 26.75 11.99
N SER B 265 -16.15 27.66 11.05
CA SER B 265 -14.96 27.76 10.20
C SER B 265 -13.73 28.00 11.08
N ARG B 266 -13.86 28.85 12.08
CA ARG B 266 -12.74 29.14 12.97
C ARG B 266 -12.33 27.90 13.75
N MET B 267 -13.30 27.11 14.20
CA MET B 267 -12.95 25.91 14.97
C MET B 267 -12.14 24.96 14.09
N TRP B 268 -12.52 24.83 12.83
CA TRP B 268 -11.78 23.97 11.93
C TRP B 268 -10.37 24.51 11.75
N ALA B 269 -10.26 25.83 11.60
CA ALA B 269 -8.96 26.49 11.41
C ALA B 269 -8.01 26.27 12.57
N MET B 270 -8.54 26.31 13.79
CA MET B 270 -7.69 26.10 14.96
C MET B 270 -7.17 24.66 14.97
N ALA B 271 -7.99 23.73 14.48
CA ALA B 271 -7.60 22.33 14.42
C ALA B 271 -6.51 22.14 13.38
N VAL B 272 -6.69 22.75 12.21
CA VAL B 272 -5.69 22.66 11.14
C VAL B 272 -4.38 23.25 11.62
N THR B 273 -4.46 24.39 12.28
CA THR B 273 -3.26 25.07 12.78
C THR B 273 -2.47 24.20 13.72
N GLU B 274 -3.13 23.60 14.69
CA GLU B 274 -2.43 22.75 15.65
C GLU B 274 -1.78 21.56 14.97
N GLU B 275 -2.47 20.98 13.98
CA GLU B 275 -1.90 19.84 13.29
C GLU B 275 -0.64 20.27 12.54
N PHE B 276 -0.72 21.39 11.83
CA PHE B 276 0.44 21.89 11.09
C PHE B 276 1.61 22.15 12.03
N TYR B 277 1.34 22.78 13.16
CA TYR B 277 2.40 23.09 14.13
C TYR B 277 3.09 21.82 14.62
N ARG B 278 2.32 20.75 14.82
CA ARG B 278 2.91 19.50 15.28
C ARG B 278 3.82 18.91 14.21
N GLN B 279 3.46 19.08 12.93
CA GLN B 279 4.31 18.58 11.87
C GLN B 279 5.60 19.38 11.92
N GLY B 280 5.47 20.69 12.08
CA GLY B 280 6.64 21.55 12.15
C GLY B 280 7.56 21.15 13.30
N ASP B 281 6.97 20.77 14.43
CA ASP B 281 7.77 20.36 15.58
C ASP B 281 8.61 19.14 15.22
N MET B 282 8.02 18.23 14.46
CA MET B 282 8.73 17.02 14.04
C MET B 282 9.81 17.35 13.01
N GLU B 283 9.50 18.27 12.10
CA GLU B 283 10.46 18.67 11.07
C GLU B 283 11.68 19.33 11.69
N LYS B 284 11.48 20.12 12.74
CA LYS B 284 12.59 20.79 13.41
C LYS B 284 13.51 19.74 14.01
N GLU B 285 12.92 18.69 14.55
CA GLU B 285 13.67 17.60 15.16
C GLU B 285 14.48 16.83 14.13
N LYS B 286 13.93 16.65 12.94
CA LYS B 286 14.61 15.91 11.88
C LYS B 286 15.55 16.79 11.05
N GLY B 287 15.60 18.08 11.39
CA GLY B 287 16.48 18.99 10.69
C GLY B 287 16.14 19.27 9.23
N VAL B 288 14.86 19.30 8.90
CA VAL B 288 14.44 19.58 7.53
C VAL B 288 13.77 20.95 7.47
N GLU B 289 13.55 21.44 6.25
CA GLU B 289 12.94 22.74 6.07
C GLU B 289 11.54 22.79 6.70
N VAL B 290 11.24 23.91 7.36
CA VAL B 290 9.95 24.09 8.00
C VAL B 290 9.30 25.37 7.47
N LEU B 291 8.21 25.22 6.71
CA LEU B 291 7.52 26.39 6.18
C LEU B 291 6.98 27.19 7.35
N PRO B 292 7.00 28.52 7.24
CA PRO B 292 6.51 29.41 8.30
C PRO B 292 5.15 29.02 8.89
N MET B 293 4.22 28.62 8.03
CA MET B 293 2.89 28.25 8.49
C MET B 293 2.89 27.02 9.40
N PHE B 294 3.97 26.25 9.38
CA PHE B 294 4.08 25.06 10.22
C PHE B 294 4.93 25.33 11.44
N ASP B 295 5.49 26.54 11.52
CA ASP B 295 6.35 26.92 12.64
C ASP B 295 5.63 27.67 13.75
N ARG B 296 5.46 26.99 14.87
CA ARG B 296 4.80 27.53 16.05
C ARG B 296 5.51 28.78 16.60
N SER B 297 6.80 28.90 16.31
CA SER B 297 7.61 30.02 16.79
C SER B 297 7.52 31.31 15.99
N LYS B 298 6.88 31.26 14.82
CA LYS B 298 6.78 32.47 14.00
C LYS B 298 5.43 33.16 14.15
N ASN B 299 4.77 32.86 15.27
CA ASN B 299 3.46 33.42 15.62
C ASN B 299 2.65 33.96 14.45
N ASN B 300 2.21 33.06 13.59
CA ASN B 300 1.41 33.42 12.43
C ASN B 300 0.05 33.93 12.89
N GLU B 301 -0.49 34.89 12.16
CA GLU B 301 -1.80 35.44 12.51
C GLU B 301 -2.88 34.60 11.85
N LEU B 302 -3.81 34.12 12.65
CA LEU B 302 -4.92 33.29 12.17
C LEU B 302 -5.68 33.97 11.04
N ALA B 303 -6.07 35.22 11.26
CA ALA B 303 -6.83 35.97 10.26
C ALA B 303 -6.12 36.07 8.92
N ARG B 304 -4.83 36.39 8.93
CA ARG B 304 -4.09 36.52 7.68
C ARG B 304 -3.98 35.17 6.97
N GLY B 305 -3.83 34.11 7.76
CA GLY B 305 -3.73 32.78 7.17
C GLY B 305 -5.02 32.33 6.52
N GLN B 306 -6.14 32.65 7.17
CA GLN B 306 -7.44 32.27 6.62
C GLN B 306 -7.76 33.08 5.38
N ILE B 307 -7.43 34.36 5.38
CA ILE B 307 -7.66 35.20 4.21
C ILE B 307 -6.81 34.65 3.07
N GLY B 308 -5.61 34.20 3.39
CA GLY B 308 -4.74 33.65 2.37
C GLY B 308 -5.29 32.37 1.76
N PHE B 309 -5.76 31.44 2.59
CA PHE B 309 -6.31 30.19 2.06
C PHE B 309 -7.54 30.47 1.21
N ILE B 310 -8.34 31.45 1.65
CA ILE B 310 -9.55 31.83 0.91
C ILE B 310 -9.19 32.41 -0.45
N ASP B 311 -8.32 33.43 -0.45
CA ASP B 311 -7.91 34.10 -1.68
C ASP B 311 -7.15 33.21 -2.66
N PHE B 312 -6.18 32.47 -2.15
CA PHE B 312 -5.31 31.64 -2.99
C PHE B 312 -5.82 30.27 -3.35
N VAL B 313 -6.66 29.67 -2.51
CA VAL B 313 -7.10 28.33 -2.78
C VAL B 313 -8.60 28.05 -2.72
N ALA B 314 -9.13 27.95 -1.50
CA ALA B 314 -10.53 27.60 -1.30
C ALA B 314 -11.60 28.57 -1.81
N GLY B 315 -11.43 29.86 -1.54
CA GLY B 315 -12.41 30.83 -2.01
C GLY B 315 -12.44 30.85 -3.53
N LYS B 316 -11.25 30.88 -4.13
CA LYS B 316 -11.12 30.87 -5.58
C LYS B 316 -11.75 29.62 -6.18
N PHE B 317 -11.51 28.47 -5.55
CA PHE B 317 -12.05 27.21 -6.05
C PHE B 317 -13.58 27.21 -6.05
N PHE B 318 -14.18 27.61 -4.94
CA PHE B 318 -15.64 27.65 -4.89
C PHE B 318 -16.25 28.66 -5.84
N ARG B 319 -15.65 29.84 -5.94
CA ARG B 319 -16.20 30.84 -6.84
C ARG B 319 -16.16 30.31 -8.27
N ASP B 320 -15.07 29.64 -8.63
CA ASP B 320 -14.95 29.08 -9.97
C ASP B 320 -15.92 27.94 -10.26
N ILE B 321 -16.01 26.95 -9.38
CA ILE B 321 -16.90 25.83 -9.65
C ILE B 321 -18.39 26.17 -9.54
N VAL B 322 -18.74 27.06 -8.61
CA VAL B 322 -20.13 27.43 -8.48
C VAL B 322 -20.56 28.31 -9.65
N GLY B 323 -19.70 29.24 -10.05
CA GLY B 323 -20.03 30.13 -11.14
C GLY B 323 -20.05 29.49 -12.51
N ASN B 324 -19.36 28.36 -12.67
CA ASN B 324 -19.32 27.71 -13.97
C ASN B 324 -20.14 26.44 -14.13
N LEU B 325 -20.62 25.86 -13.04
CA LEU B 325 -21.42 24.64 -13.15
C LEU B 325 -22.32 24.32 -11.96
N PHE B 326 -21.76 24.36 -10.76
CA PHE B 326 -22.54 24.07 -9.55
C PHE B 326 -23.29 25.29 -9.04
N HIS B 327 -24.18 25.83 -9.88
CA HIS B 327 -24.93 27.02 -9.53
C HIS B 327 -25.77 26.92 -8.26
N GLY B 328 -26.19 25.71 -7.91
CA GLY B 328 -27.01 25.51 -6.73
C GLY B 328 -26.27 25.63 -5.40
N MET B 329 -24.95 25.78 -5.47
CA MET B 329 -24.13 25.90 -4.28
C MET B 329 -23.71 27.34 -4.00
N GLN B 330 -24.54 28.29 -4.40
CA GLN B 330 -24.24 29.70 -4.20
C GLN B 330 -23.96 30.07 -2.74
N TRP B 331 -24.64 29.42 -1.81
CA TRP B 331 -24.46 29.72 -0.40
C TRP B 331 -23.02 29.54 0.06
N CYS B 332 -22.29 28.63 -0.59
CA CYS B 332 -20.90 28.39 -0.23
C CYS B 332 -20.08 29.64 -0.54
N VAL B 333 -20.34 30.24 -1.69
CA VAL B 333 -19.65 31.45 -2.10
C VAL B 333 -20.05 32.63 -1.22
N ASP B 334 -21.34 32.78 -0.94
CA ASP B 334 -21.78 33.88 -0.11
C ASP B 334 -21.14 33.81 1.28
N THR B 335 -21.02 32.61 1.82
CA THR B 335 -20.44 32.44 3.15
C THR B 335 -18.93 32.63 3.18
N VAL B 336 -18.22 32.13 2.18
CA VAL B 336 -16.77 32.31 2.20
C VAL B 336 -16.45 33.79 2.02
N ASN B 337 -17.27 34.50 1.25
CA ASN B 337 -17.07 35.93 1.05
C ASN B 337 -17.33 36.66 2.36
N SER B 338 -18.37 36.24 3.08
CA SER B 338 -18.72 36.84 4.36
C SER B 338 -17.62 36.57 5.37
N ASN B 339 -17.10 35.35 5.37
CA ASN B 339 -16.04 35.00 6.30
C ASN B 339 -14.78 35.81 6.01
N ARG B 340 -14.46 36.00 4.74
CA ARG B 340 -13.27 36.77 4.39
C ARG B 340 -13.39 38.19 4.94
N ALA B 341 -14.59 38.76 4.84
CA ALA B 341 -14.83 40.11 5.32
C ALA B 341 -14.66 40.18 6.83
N LYS B 342 -15.09 39.13 7.53
CA LYS B 342 -14.95 39.10 8.97
C LYS B 342 -13.48 39.00 9.38
N TRP B 343 -12.72 38.16 8.67
CA TRP B 343 -11.30 38.03 8.98
C TRP B 343 -10.60 39.36 8.70
N GLN B 344 -10.99 40.01 7.62
CA GLN B 344 -10.40 41.29 7.24
C GLN B 344 -10.67 42.30 8.33
N GLU B 345 -11.89 42.27 8.86
CA GLU B 345 -12.31 43.18 9.91
C GLU B 345 -11.44 42.96 11.16
N ILE B 346 -11.09 41.70 11.41
CA ILE B 346 -10.27 41.36 12.55
C ILE B 346 -8.85 41.92 12.37
N LEU B 347 -8.35 41.86 11.14
CA LEU B 347 -7.01 42.37 10.85
C LEU B 347 -6.95 43.87 11.05
N ASP B 348 -7.96 44.58 10.54
CA ASP B 348 -8.03 46.03 10.66
C ASP B 348 -8.28 46.46 12.10
N GLY B 349 -8.65 45.51 12.95
CA GLY B 349 -8.93 45.81 14.33
C GLY B 349 -7.75 45.60 15.25
N ARG B 350 -6.80 44.77 14.82
CA ARG B 350 -5.61 44.49 15.62
C ARG B 350 -4.45 45.38 15.21
#